data_1QGC
#
_entry.id   1QGC
#
_cell.length_a   1.000
_cell.length_b   1.000
_cell.length_c   1.000
_cell.angle_alpha   90.00
_cell.angle_beta   90.00
_cell.angle_gamma   90.00
#
_symmetry.space_group_name_H-M   'P 1'
#
loop_
_entity.id
_entity.type
_entity.pdbx_description
1 polymer 'PROTEIN (VIRUS CAPSID PROTEIN VP1)'
2 polymer 'PROTEIN (VIRUS CAPSID PROTEIN VP2)'
3 polymer 'PROTEIN (VIRUS CAPSID PROTEIN VP3)'
4 polymer 'PROTEIN (IMMUNOGLOBULIN LIGHT CHAIN)'
5 polymer 'PROTEIN (IMMUNOGLOBULIN HEAVY CHAIN)'
6 polymer 'PROTEIN (GH-LOOP FROM VIRUS CAPSID PROTEIN VP1)'
#
loop_
_entity_poly.entity_id
_entity_poly.type
_entity_poly.pdbx_seq_one_letter_code
_entity_poly.pdbx_strand_id
1 'polypeptide(L)'
;TTTTGESADPVTTTVENYGGETQVQRRHHTDVAFVLDRFVKVTVSDNQHTLDVMQAHKDNIVGALLRAATYYFSDLEIAV
THTGKLTWVPNGAPVSALNNTTNPTAYHKGPVTRLALPYTAPHRVLATAYTGTTTYTASARGDLAHLTTTHARHLPTSFN
FGAVKAETITELLVRMKRAELYCPRPILPIQPTGDRHKQPLVAPAKQ
;
1
2 'polypeptide(L)'
;DKKTEETTLLEDRILTTRNGHTTSTTQSSVGVTFGYATAEDSTSGPNTSALETRVHQAERFFKMALFDWVPSQNFGHMHK
VVLPHEPKGVYGGLVKSYAYMRNGWDVEVTAVGNQFNGGCLLVALVPEMGDISDREKYQLTLYPHQFINPRTNMTAHITV
PYVGVNRYDQYKQHRPWTLVVMVVAPLTTNTAGAQQIKVYANIAPTNVHVAGELPSKE
;
2
3 'polypeptide(L)'
;GIFPVACSDGYGNMVTTDPKTADPAYGKVYNPPRTALPGRFTNYLDVAEACPTFLMFENVPYVSTRTDGQRLLAKFDVSL
AAKHMSNTYLAGLAQYYTQYTGTINLHFMFTGPTDAKARYMVAYVPPGMDAPDNPEEAAHCIHAEWDTGLNSKFTFSIPY
ISAADYTYTASHEAETTCVQGWVCVYQITHGKADADALVVSASAGKDFELRLPVDARQQ
;
3
4 'polypeptide(L)'
;DIVLTQSPASLAVSLGQRATISCRASESVDSSGHSFMHWYQQKPGQPPKLLIYRASNLESGIPDRFSGSGSRTDFTLTID
PVEADDVATYYCQQSNEVPLTFGAGTKLDLKRADAAPTVSIFPPSSEQLTSGGASVVCFLNNFYPKDINVKWKIDGSERQ
NGVLNSWTDQDSKDSTYSMSSTLTLTKDEYERHNSYTCEATHKTSTSPIVKSFNRNE(OCS)
;
4
5 'polypeptide(L)'
;EVMLVESGGGLVKPGGSLKLSCTASGFIFNRCAMSWVRQTPEKRLEWVATISSGGTYTYYPDSVKGRFTISRDNAKNTLY
LQMSSLRSADTAMYYCVRREDGGDEGFAYWGQGTVVTVSAAKTTPPSVYPLAPGSAAAAASMVTLGCLVKGYFPEPVTVT
WNSGSLSSGVHTFPAVLQSDLYTLSSSVTVPSSTWPSETVTCNVAHPASSTKVDKKIVPR
;
A
6 'polypeptide(L)' TTAYTASARGDLAHLTTTAARTLP 5
#
# COMPACT_ATOMS: atom_id res chain seq x y z
N THR A 1 -4.18 49.10 -29.08
CA THR A 1 -3.96 49.03 -27.61
C THR A 1 -2.75 48.21 -27.31
N THR A 2 -1.65 48.92 -27.16
CA THR A 2 -0.39 48.33 -26.86
C THR A 2 -0.27 48.27 -25.34
N THR A 3 0.35 47.22 -24.83
CA THR A 3 0.49 47.02 -23.40
C THR A 3 1.85 46.40 -23.19
N THR A 4 2.31 46.38 -21.95
CA THR A 4 3.57 45.72 -21.72
C THR A 4 3.04 44.30 -21.50
N GLY A 5 3.28 43.41 -22.47
CA GLY A 5 2.78 42.05 -22.39
C GLY A 5 3.23 41.18 -21.22
N GLU A 6 4.48 41.36 -20.85
CA GLU A 6 5.10 40.61 -19.77
C GLU A 6 4.36 40.73 -18.45
N SER A 7 3.78 41.90 -18.22
CA SER A 7 3.05 42.21 -16.98
C SER A 7 2.11 41.15 -16.40
N ALA A 8 1.36 40.49 -17.27
CA ALA A 8 0.40 39.47 -16.87
C ALA A 8 -0.91 40.11 -16.35
N ASP A 9 -0.97 41.43 -16.39
CA ASP A 9 -2.16 42.16 -15.94
C ASP A 9 -3.15 42.07 -17.08
N PRO A 10 -4.40 41.72 -16.77
CA PRO A 10 -5.48 41.56 -17.74
C PRO A 10 -5.70 42.78 -18.61
N VAL A 11 -6.08 42.52 -19.85
CA VAL A 11 -6.35 43.55 -20.84
C VAL A 11 -7.56 43.05 -21.61
N THR A 12 -8.52 43.94 -21.85
CA THR A 12 -9.72 43.55 -22.58
C THR A 12 -10.11 44.73 -23.42
N THR A 13 -9.87 44.70 -24.72
CA THR A 13 -10.30 45.83 -25.54
C THR A 13 -11.76 45.67 -25.93
N THR A 14 -12.27 46.59 -26.74
CA THR A 14 -13.65 46.53 -27.21
C THR A 14 -13.81 47.02 -28.62
N VAL A 15 -14.92 46.63 -29.23
CA VAL A 15 -15.20 47.03 -30.59
C VAL A 15 -15.22 48.56 -30.69
N GLU A 16 -15.35 49.23 -29.56
CA GLU A 16 -15.39 50.68 -29.54
C GLU A 16 -14.11 51.26 -30.12
N ASN A 17 -13.01 50.56 -29.94
CA ASN A 17 -11.72 51.02 -30.44
C ASN A 17 -11.75 51.43 -31.89
N TYR A 18 -12.46 50.68 -32.72
CA TYR A 18 -12.56 51.03 -34.14
C TYR A 18 -13.88 51.66 -34.53
N GLY A 19 -14.79 51.77 -33.56
CA GLY A 19 -16.06 52.42 -33.86
C GLY A 19 -17.28 51.60 -33.59
N GLY A 20 -17.09 50.39 -33.09
CA GLY A 20 -18.22 49.52 -32.80
C GLY A 20 -18.89 49.89 -31.50
N GLU A 21 -19.83 49.08 -31.08
CA GLU A 21 -20.52 49.34 -29.84
C GLU A 21 -20.84 48.08 -29.05
N THR A 22 -19.99 47.82 -28.05
CA THR A 22 -20.15 46.68 -27.15
C THR A 22 -21.55 46.62 -26.58
N GLN A 23 -22.14 45.42 -26.58
CA GLN A 23 -23.51 45.21 -26.12
C GLN A 23 -23.64 44.60 -24.72
N VAL A 24 -24.82 44.04 -24.44
CA VAL A 24 -25.07 43.40 -23.15
C VAL A 24 -24.98 41.89 -23.17
N GLN A 25 -24.71 41.32 -21.99
CA GLN A 25 -24.62 39.87 -21.88
C GLN A 25 -25.39 39.42 -20.67
N ARG A 26 -25.66 38.13 -20.64
CA ARG A 26 -26.39 37.49 -19.57
C ARG A 26 -25.75 36.13 -19.42
N ARG A 27 -24.61 36.13 -18.76
CA ARG A 27 -23.86 34.92 -18.59
C ARG A 27 -24.42 34.05 -17.45
N HIS A 28 -25.75 33.90 -17.41
CA HIS A 28 -26.41 33.11 -16.36
C HIS A 28 -25.95 31.70 -16.48
N HIS A 29 -25.94 31.27 -17.74
CA HIS A 29 -25.57 29.92 -18.09
C HIS A 29 -24.14 29.55 -17.80
N THR A 30 -23.25 30.54 -17.74
CA THR A 30 -21.87 30.24 -17.48
C THR A 30 -21.56 30.47 -16.00
N ASP A 31 -22.60 30.43 -15.18
CA ASP A 31 -22.46 30.61 -13.73
C ASP A 31 -22.14 29.30 -13.05
N VAL A 32 -21.04 29.27 -12.29
CA VAL A 32 -20.60 28.07 -11.57
C VAL A 32 -21.72 27.30 -10.85
N ALA A 33 -22.24 27.91 -9.79
CA ALA A 33 -23.30 27.32 -9.00
C ALA A 33 -24.39 26.68 -9.84
N PHE A 34 -24.71 27.35 -10.94
CA PHE A 34 -25.73 26.92 -11.85
C PHE A 34 -25.39 25.74 -12.73
N VAL A 35 -24.34 25.84 -13.55
CA VAL A 35 -23.97 24.72 -14.42
C VAL A 35 -23.82 23.41 -13.66
N LEU A 36 -23.02 23.40 -12.59
CA LEU A 36 -22.83 22.19 -11.83
C LEU A 36 -24.10 21.65 -11.12
N ASP A 37 -25.14 22.47 -10.99
CA ASP A 37 -26.37 22.06 -10.31
C ASP A 37 -27.29 21.20 -11.17
N ARG A 38 -26.79 20.02 -11.54
CA ARG A 38 -27.54 19.02 -12.32
C ARG A 38 -26.97 17.62 -12.05
N PHE A 39 -27.78 16.61 -12.37
CA PHE A 39 -27.40 15.23 -12.17
C PHE A 39 -26.42 14.68 -13.22
N VAL A 40 -25.56 13.79 -12.77
CA VAL A 40 -24.57 13.19 -13.62
C VAL A 40 -24.46 11.73 -13.22
N LYS A 41 -24.42 10.85 -14.22
CA LYS A 41 -24.31 9.43 -13.96
C LYS A 41 -22.88 9.13 -13.49
N VAL A 42 -22.77 8.22 -12.54
CA VAL A 42 -21.48 7.82 -12.04
C VAL A 42 -21.49 6.28 -12.17
N THR A 43 -20.40 5.72 -12.70
CA THR A 43 -20.30 4.28 -12.91
C THR A 43 -20.11 3.48 -11.64
N VAL A 44 -21.20 2.85 -11.22
CA VAL A 44 -21.20 2.02 -10.02
C VAL A 44 -20.82 0.62 -10.48
N SER A 45 -20.01 -0.08 -9.68
CA SER A 45 -19.58 -1.41 -10.07
C SER A 45 -20.01 -2.52 -9.13
N ASP A 46 -20.21 -2.19 -7.88
CA ASP A 46 -20.61 -3.21 -6.94
C ASP A 46 -22.04 -2.90 -6.52
N ASN A 47 -22.46 -3.45 -5.39
CA ASN A 47 -23.78 -3.17 -4.85
C ASN A 47 -23.54 -2.22 -3.65
N GLN A 48 -22.30 -1.72 -3.54
CA GLN A 48 -21.94 -0.77 -2.51
C GLN A 48 -20.95 0.17 -3.21
N HIS A 49 -21.04 1.47 -2.93
CA HIS A 49 -20.25 2.46 -3.63
C HIS A 49 -19.99 3.73 -2.82
N THR A 50 -18.72 4.13 -2.74
CA THR A 50 -18.34 5.33 -2.03
C THR A 50 -18.69 6.51 -2.91
N LEU A 51 -19.35 7.54 -2.36
CA LEU A 51 -19.78 8.75 -3.11
C LEU A 51 -18.62 9.71 -3.34
N ASP A 52 -18.26 9.91 -4.59
CA ASP A 52 -17.13 10.79 -4.89
C ASP A 52 -17.41 11.45 -6.22
N VAL A 53 -17.33 12.77 -6.23
CA VAL A 53 -17.61 13.56 -7.42
C VAL A 53 -16.57 13.49 -8.52
N MET A 54 -15.37 13.03 -8.17
CA MET A 54 -14.31 12.92 -9.15
C MET A 54 -14.62 11.78 -10.11
N GLN A 55 -15.61 10.96 -9.76
CA GLN A 55 -15.99 9.83 -10.58
C GLN A 55 -16.89 10.15 -11.73
N ALA A 56 -17.21 11.42 -11.92
CA ALA A 56 -18.04 11.78 -13.05
C ALA A 56 -17.08 11.71 -14.23
N HIS A 57 -17.61 11.50 -15.43
CA HIS A 57 -16.73 11.42 -16.58
C HIS A 57 -15.99 12.75 -16.83
N LYS A 58 -14.68 12.65 -17.04
CA LYS A 58 -13.85 13.83 -17.24
C LYS A 58 -14.19 14.66 -18.47
N ASP A 59 -15.07 14.16 -19.32
CA ASP A 59 -15.45 14.92 -20.50
C ASP A 59 -16.94 15.28 -20.42
N ASN A 60 -17.54 14.93 -19.30
CA ASN A 60 -18.95 15.22 -19.10
C ASN A 60 -18.96 16.60 -18.51
N ILE A 61 -19.87 17.43 -19.02
CA ILE A 61 -20.04 18.82 -18.59
C ILE A 61 -19.70 19.07 -17.11
N VAL A 62 -20.38 18.36 -16.21
CA VAL A 62 -20.16 18.53 -14.79
C VAL A 62 -18.73 18.16 -14.38
N GLY A 63 -18.28 16.97 -14.75
CA GLY A 63 -16.93 16.52 -14.42
C GLY A 63 -15.83 17.33 -15.08
N ALA A 64 -16.10 17.78 -16.30
CA ALA A 64 -15.15 18.56 -17.05
C ALA A 64 -14.99 19.90 -16.35
N LEU A 65 -16.14 20.47 -15.97
CA LEU A 65 -16.23 21.76 -15.31
C LEU A 65 -15.78 21.74 -13.87
N LEU A 66 -16.03 20.62 -13.18
CA LEU A 66 -15.56 20.49 -11.81
C LEU A 66 -14.03 20.46 -11.85
N ARG A 67 -13.49 19.69 -12.78
CA ARG A 67 -12.04 19.58 -12.95
C ARG A 67 -11.35 20.85 -13.47
N ALA A 68 -12.17 21.85 -13.79
CA ALA A 68 -11.70 23.14 -14.29
C ALA A 68 -11.41 24.08 -13.10
N ALA A 69 -11.46 23.48 -11.90
CA ALA A 69 -11.19 24.14 -10.63
C ALA A 69 -10.29 23.20 -9.82
N THR A 70 -9.52 23.75 -8.89
CA THR A 70 -8.66 22.90 -8.10
C THR A 70 -9.22 22.55 -6.72
N TYR A 71 -10.02 23.45 -6.13
CA TYR A 71 -10.63 23.21 -4.82
C TYR A 71 -12.10 23.51 -4.94
N TYR A 72 -12.91 22.72 -4.26
CA TYR A 72 -14.35 22.89 -4.35
C TYR A 72 -15.09 22.52 -3.07
N PHE A 73 -16.29 23.09 -2.92
CA PHE A 73 -17.19 22.79 -1.81
C PHE A 73 -18.59 22.65 -2.37
N SER A 74 -19.39 21.76 -1.78
CA SER A 74 -20.78 21.63 -2.19
C SER A 74 -21.53 20.60 -1.38
N ASP A 75 -22.85 20.71 -1.42
CA ASP A 75 -23.68 19.72 -0.76
C ASP A 75 -24.07 18.78 -1.88
N LEU A 76 -24.66 17.64 -1.51
CA LEU A 76 -25.02 16.66 -2.50
C LEU A 76 -26.47 16.27 -2.51
N GLU A 77 -26.90 15.80 -3.67
CA GLU A 77 -28.23 15.32 -3.86
C GLU A 77 -27.90 14.07 -4.66
N ILE A 78 -28.57 12.95 -4.38
CA ILE A 78 -28.32 11.70 -5.13
C ILE A 78 -29.61 11.05 -5.60
N ALA A 79 -29.51 10.37 -6.74
CA ALA A 79 -30.64 9.64 -7.33
C ALA A 79 -30.14 8.23 -7.67
N VAL A 80 -30.59 7.25 -6.90
CA VAL A 80 -30.20 5.85 -7.05
C VAL A 80 -31.35 4.98 -7.50
N THR A 81 -31.09 4.12 -8.49
CA THR A 81 -32.09 3.16 -8.95
C THR A 81 -31.48 1.94 -8.28
N HIS A 82 -32.18 1.41 -7.28
CA HIS A 82 -31.67 0.29 -6.48
C HIS A 82 -32.76 -0.68 -6.13
N THR A 83 -32.38 -1.73 -5.38
CA THR A 83 -33.33 -2.73 -4.90
C THR A 83 -33.10 -2.98 -3.42
N GLY A 84 -34.19 -3.27 -2.71
CA GLY A 84 -34.10 -3.49 -1.28
C GLY A 84 -33.87 -2.17 -0.54
N LYS A 85 -33.17 -2.23 0.58
CA LYS A 85 -32.91 -1.04 1.35
C LYS A 85 -31.61 -0.38 0.97
N LEU A 86 -31.68 0.93 0.81
CA LEU A 86 -30.53 1.76 0.47
C LEU A 86 -30.06 2.40 1.76
N THR A 87 -28.79 2.22 2.10
CA THR A 87 -28.27 2.82 3.31
C THR A 87 -27.11 3.72 3.02
N TRP A 88 -27.11 4.88 3.64
CA TRP A 88 -26.03 5.82 3.45
C TRP A 88 -25.28 5.95 4.76
N VAL A 89 -24.01 6.27 4.64
CA VAL A 89 -23.16 6.41 5.77
C VAL A 89 -22.26 7.62 5.52
N PRO A 90 -22.02 8.44 6.57
CA PRO A 90 -21.21 9.65 6.53
C PRO A 90 -19.71 9.43 6.40
N ASN A 91 -19.05 10.37 5.73
CA ASN A 91 -17.61 10.35 5.57
C ASN A 91 -16.88 9.88 6.86
N GLY A 92 -15.92 8.98 6.71
CA GLY A 92 -15.16 8.46 7.84
C GLY A 92 -15.76 7.36 8.70
N ALA A 93 -16.89 6.82 8.23
CA ALA A 93 -17.57 5.76 8.95
C ALA A 93 -16.98 4.44 8.56
N PRO A 94 -16.86 3.53 9.52
CA PRO A 94 -16.31 2.21 9.28
C PRO A 94 -17.22 1.61 8.24
N VAL A 95 -16.62 0.99 7.24
CA VAL A 95 -17.39 0.40 6.15
C VAL A 95 -18.47 -0.57 6.68
N SER A 96 -18.16 -1.25 7.76
CA SER A 96 -19.09 -2.19 8.37
C SER A 96 -20.46 -1.59 8.66
N ALA A 97 -20.54 -0.27 8.70
CA ALA A 97 -21.77 0.43 8.99
C ALA A 97 -22.81 0.27 7.91
N LEU A 98 -22.38 0.20 6.65
CA LEU A 98 -23.33 0.08 5.54
C LEU A 98 -24.42 -0.98 5.74
N ASN A 99 -24.16 -1.96 6.59
CA ASN A 99 -25.13 -3.01 6.82
C ASN A 99 -26.17 -2.62 7.85
N ASN A 100 -25.81 -1.69 8.71
CA ASN A 100 -26.75 -1.27 9.74
C ASN A 100 -27.83 -0.35 9.21
N THR A 101 -29.04 -0.66 9.61
CA THR A 101 -30.20 0.06 9.17
C THR A 101 -30.59 1.34 9.97
N THR A 102 -30.06 1.50 11.19
CA THR A 102 -30.38 2.69 11.98
C THR A 102 -29.64 3.90 11.39
N ASN A 103 -28.87 3.66 10.34
CA ASN A 103 -28.17 4.73 9.63
C ASN A 103 -29.19 5.16 8.60
N PRO A 104 -29.04 6.34 8.03
CA PRO A 104 -30.02 6.79 7.03
C PRO A 104 -30.28 5.73 5.95
N THR A 105 -31.31 4.92 6.16
CA THR A 105 -31.66 3.85 5.23
C THR A 105 -33.02 4.16 4.64
N ALA A 106 -33.12 4.12 3.32
CA ALA A 106 -34.37 4.41 2.62
C ALA A 106 -34.92 3.14 2.03
N TYR A 107 -36.19 2.86 2.28
CA TYR A 107 -36.83 1.68 1.72
C TYR A 107 -37.08 1.91 0.22
N HIS A 108 -37.45 0.85 -0.48
CA HIS A 108 -37.69 0.96 -1.90
C HIS A 108 -39.01 1.63 -2.24
N LYS A 109 -38.99 2.39 -3.33
CA LYS A 109 -40.14 3.07 -3.90
C LYS A 109 -39.47 3.39 -5.24
N GLY A 110 -39.80 2.58 -6.22
CA GLY A 110 -39.20 2.72 -7.52
C GLY A 110 -39.82 3.87 -8.25
N PRO A 111 -39.20 4.32 -9.35
CA PRO A 111 -37.96 3.73 -9.87
C PRO A 111 -36.73 4.07 -9.06
N VAL A 112 -36.44 5.37 -9.01
CA VAL A 112 -35.31 5.89 -8.27
C VAL A 112 -35.69 6.37 -6.89
N THR A 113 -34.66 6.61 -6.09
CA THR A 113 -34.82 7.07 -4.73
C THR A 113 -33.92 8.30 -4.69
N ARG A 114 -34.51 9.46 -4.37
CA ARG A 114 -33.77 10.73 -4.31
C ARG A 114 -33.58 11.31 -2.92
N LEU A 115 -32.34 11.70 -2.63
CA LEU A 115 -31.95 12.24 -1.33
C LEU A 115 -31.07 13.47 -1.34
N ALA A 116 -31.12 14.24 -0.26
CA ALA A 116 -30.29 15.41 -0.12
C ALA A 116 -29.37 15.15 1.05
N LEU A 117 -28.08 15.20 0.76
CA LEU A 117 -27.06 14.93 1.74
C LEU A 117 -26.10 16.09 1.96
N PRO A 118 -25.69 16.30 3.22
CA PRO A 118 -24.78 17.37 3.62
C PRO A 118 -23.34 17.09 3.31
N TYR A 119 -22.59 18.14 2.94
CA TYR A 119 -21.16 17.98 2.72
C TYR A 119 -20.71 17.38 4.06
N THR A 120 -19.94 16.31 3.99
CA THR A 120 -19.58 15.66 5.22
C THR A 120 -18.08 15.34 5.47
N ALA A 121 -17.20 15.96 4.67
CA ALA A 121 -15.74 15.79 4.84
C ALA A 121 -15.29 16.58 6.09
N PRO A 122 -14.03 16.45 6.51
CA PRO A 122 -13.56 17.19 7.70
C PRO A 122 -12.58 18.29 7.35
N HIS A 123 -12.53 18.61 6.06
CA HIS A 123 -11.65 19.64 5.58
C HIS A 123 -12.53 20.83 5.31
N ARG A 124 -11.91 22.00 5.23
CA ARG A 124 -12.63 23.22 4.96
C ARG A 124 -13.17 23.21 3.52
N VAL A 125 -12.49 22.48 2.66
CA VAL A 125 -12.86 22.38 1.26
C VAL A 125 -12.19 21.09 0.73
N LEU A 126 -12.61 20.61 -0.43
CA LEU A 126 -11.98 19.42 -1.00
C LEU A 126 -11.19 19.81 -2.24
N ALA A 127 -10.51 18.85 -2.85
CA ALA A 127 -9.70 19.12 -4.02
C ALA A 127 -9.94 18.21 -5.24
N THR A 128 -9.55 18.74 -6.40
CA THR A 128 -9.62 18.10 -7.70
C THR A 128 -8.25 17.46 -7.95
N ALA A 129 -7.19 18.11 -7.49
CA ALA A 129 -5.82 17.61 -7.66
C ALA A 129 -5.21 17.44 -6.29
N TYR A 130 -3.91 17.19 -6.24
CA TYR A 130 -3.23 17.00 -4.96
C TYR A 130 -1.79 16.55 -5.19
N THR A 131 -0.85 17.21 -4.52
CA THR A 131 0.55 16.86 -4.66
C THR A 131 1.16 16.40 -3.34
N GLY A 132 0.46 15.46 -2.74
CA GLY A 132 1.13 14.57 -1.80
C GLY A 132 1.61 13.27 -2.47
N THR A 157 -8.11 9.40 1.16
CA THR A 157 -9.28 8.67 1.63
C THR A 157 -10.43 9.63 1.92
N SER A 158 -10.18 10.57 2.83
CA SER A 158 -11.16 11.56 3.28
C SER A 158 -11.92 12.41 2.24
N PHE A 159 -11.47 12.46 0.99
CA PHE A 159 -12.18 13.25 -0.01
C PHE A 159 -13.46 12.58 -0.54
N ASN A 160 -14.40 12.29 0.35
CA ASN A 160 -15.64 11.65 -0.07
C ASN A 160 -16.87 12.27 0.60
N PHE A 161 -18.06 11.84 0.17
CA PHE A 161 -19.32 12.32 0.73
C PHE A 161 -20.03 11.21 1.46
N GLY A 162 -19.26 10.21 1.87
CA GLY A 162 -19.84 9.06 2.53
C GLY A 162 -19.95 7.93 1.52
N ALA A 163 -20.69 6.90 1.89
CA ALA A 163 -20.86 5.74 1.02
C ALA A 163 -22.26 5.22 1.10
N VAL A 164 -22.64 4.49 0.07
CA VAL A 164 -23.97 3.94 -0.07
C VAL A 164 -23.92 2.43 -0.31
N LYS A 165 -24.95 1.71 0.11
CA LYS A 165 -25.03 0.26 -0.08
C LYS A 165 -26.48 -0.20 -0.13
N ALA A 166 -26.82 -0.97 -1.15
CA ALA A 166 -28.16 -1.48 -1.29
C ALA A 166 -28.02 -2.84 -1.93
N GLU A 167 -28.87 -3.78 -1.53
CA GLU A 167 -28.86 -5.14 -2.09
C GLU A 167 -28.48 -5.13 -3.57
N THR A 168 -29.03 -4.17 -4.32
CA THR A 168 -28.76 -4.01 -5.74
C THR A 168 -28.68 -2.53 -6.12
N ILE A 169 -27.62 -2.13 -6.81
CA ILE A 169 -27.51 -0.74 -7.26
C ILE A 169 -27.37 -0.72 -8.77
N THR A 170 -28.51 -0.67 -9.45
CA THR A 170 -28.56 -0.64 -10.91
C THR A 170 -27.89 0.60 -11.51
N GLU A 171 -28.23 1.76 -10.98
CA GLU A 171 -27.70 3.04 -11.48
C GLU A 171 -27.51 4.09 -10.39
N LEU A 172 -26.57 5.02 -10.64
CA LEU A 172 -26.30 6.07 -9.68
C LEU A 172 -26.00 7.41 -10.32
N LEU A 173 -26.64 8.45 -9.79
CA LEU A 173 -26.45 9.82 -10.26
C LEU A 173 -26.22 10.72 -9.06
N VAL A 174 -25.51 11.81 -9.28
CA VAL A 174 -25.25 12.77 -8.22
C VAL A 174 -25.44 14.18 -8.75
N ARG A 175 -25.77 15.09 -7.85
CA ARG A 175 -25.99 16.49 -8.19
C ARG A 175 -25.31 17.33 -7.12
N MET A 176 -24.50 18.29 -7.57
CA MET A 176 -23.80 19.19 -6.66
C MET A 176 -24.65 20.44 -6.37
N LYS A 177 -24.94 20.68 -5.10
CA LYS A 177 -25.74 21.84 -4.72
C LYS A 177 -24.83 22.83 -4.00
N ARG A 178 -25.07 24.14 -4.16
CA ARG A 178 -24.28 25.16 -3.44
C ARG A 178 -22.80 25.23 -3.80
N ALA A 179 -22.45 24.73 -4.99
CA ALA A 179 -21.07 24.68 -5.44
C ALA A 179 -20.21 25.96 -5.38
N GLU A 180 -18.98 25.80 -4.89
CA GLU A 180 -18.02 26.90 -4.79
C GLU A 180 -16.74 26.38 -5.42
N LEU A 181 -16.10 27.18 -6.27
CA LEU A 181 -14.87 26.72 -6.92
C LEU A 181 -13.72 27.69 -6.72
N TYR A 182 -12.51 27.16 -6.61
CA TYR A 182 -11.34 28.00 -6.39
C TYR A 182 -10.14 27.60 -7.20
N CYS A 183 -9.50 28.59 -7.81
CA CYS A 183 -8.31 28.41 -8.64
C CYS A 183 -8.68 27.64 -9.88
N PRO A 184 -8.63 28.30 -11.02
CA PRO A 184 -9.01 27.56 -12.21
C PRO A 184 -7.89 26.69 -12.76
N ARG A 185 -8.31 25.56 -13.32
CA ARG A 185 -7.45 24.59 -13.96
C ARG A 185 -7.91 24.62 -15.41
N PRO A 186 -7.10 24.08 -16.35
CA PRO A 186 -7.47 24.08 -17.77
C PRO A 186 -8.66 23.18 -18.08
N ILE A 187 -9.17 23.33 -19.30
CA ILE A 187 -10.31 22.57 -19.80
C ILE A 187 -10.21 22.59 -21.34
N LEU A 188 -9.92 21.42 -21.90
CA LEU A 188 -9.75 21.25 -23.34
C LEU A 188 -10.91 20.61 -24.03
N PRO A 189 -11.10 20.93 -25.32
CA PRO A 189 -12.16 20.41 -26.19
C PRO A 189 -11.57 19.21 -26.97
N ILE A 190 -12.01 19.04 -28.21
CA ILE A 190 -11.51 17.97 -29.07
C ILE A 190 -10.46 18.59 -29.97
N GLN A 191 -9.41 17.84 -30.30
CA GLN A 191 -8.37 18.34 -31.20
C GLN A 191 -8.88 18.03 -32.60
N PRO A 192 -9.26 19.05 -33.42
CA PRO A 192 -9.75 18.71 -34.75
C PRO A 192 -8.69 18.23 -35.71
N THR A 193 -9.13 17.31 -36.56
CA THR A 193 -8.31 16.68 -37.59
C THR A 193 -7.91 17.73 -38.64
N GLY A 194 -8.92 18.39 -39.20
CA GLY A 194 -8.69 19.40 -40.21
C GLY A 194 -8.69 20.80 -39.62
N ASP A 195 -9.17 21.75 -40.41
CA ASP A 195 -9.21 23.16 -40.02
C ASP A 195 -10.21 23.55 -38.91
N ARG A 196 -11.28 22.78 -38.80
CA ARG A 196 -12.30 22.99 -37.77
C ARG A 196 -12.92 21.63 -37.55
N HIS A 197 -13.66 21.50 -36.48
CA HIS A 197 -14.26 20.23 -36.17
C HIS A 197 -15.75 20.21 -36.56
N LYS A 198 -16.02 19.76 -37.78
CA LYS A 198 -17.40 19.67 -38.29
C LYS A 198 -18.09 18.39 -37.78
N GLN A 199 -19.42 18.45 -37.64
CA GLN A 199 -20.20 17.30 -37.18
C GLN A 199 -21.71 17.49 -37.36
N PRO A 200 -22.52 16.43 -37.14
CA PRO A 200 -23.97 16.49 -37.28
C PRO A 200 -24.67 17.14 -36.09
N LEU A 201 -25.39 18.21 -36.40
CA LEU A 201 -26.11 18.96 -35.39
C LEU A 201 -27.59 18.74 -35.60
N VAL A 202 -28.32 18.77 -34.50
CA VAL A 202 -29.77 18.63 -34.49
C VAL A 202 -30.42 19.50 -35.58
N ALA A 203 -31.05 18.84 -36.56
CA ALA A 203 -31.69 19.55 -37.64
C ALA A 203 -33.08 18.97 -37.90
N PRO A 204 -33.96 19.71 -38.60
CA PRO A 204 -35.31 19.19 -38.86
C PRO A 204 -35.28 18.05 -39.89
N ALA A 205 -36.32 17.22 -39.88
CA ALA A 205 -36.40 16.13 -40.84
C ALA A 205 -36.50 16.76 -42.23
N LYS A 206 -35.66 16.29 -43.15
CA LYS A 206 -35.57 16.79 -44.53
C LYS A 206 -36.90 17.01 -45.28
N GLN A 207 -37.72 15.95 -45.37
CA GLN A 207 -39.01 15.95 -46.07
C GLN A 207 -38.90 16.26 -47.57
N ASP B 1 6.37 50.30 -11.91
CA ASP B 1 7.64 50.88 -11.40
C ASP B 1 8.10 51.86 -12.47
N LYS B 2 9.03 52.75 -12.12
CA LYS B 2 9.54 53.73 -13.06
C LYS B 2 10.85 54.30 -12.56
N LYS B 3 11.63 54.92 -13.45
CA LYS B 3 12.90 55.53 -13.10
C LYS B 3 12.94 56.91 -13.75
N THR B 4 13.95 57.71 -13.40
CA THR B 4 14.05 59.07 -13.94
C THR B 4 15.16 59.34 -14.99
N GLU B 5 15.97 60.37 -14.76
CA GLU B 5 17.02 60.80 -15.68
C GLU B 5 16.27 61.46 -16.84
N GLU B 6 15.55 60.66 -17.63
CA GLU B 6 14.74 61.13 -18.77
C GLU B 6 14.14 59.98 -19.58
N THR B 7 14.96 59.37 -20.44
CA THR B 7 14.53 58.25 -21.28
C THR B 7 15.67 57.22 -21.30
N THR B 8 16.68 57.48 -22.14
CA THR B 8 17.89 56.65 -22.28
C THR B 8 17.85 55.37 -23.14
N LEU B 9 19.04 54.78 -23.32
CA LEU B 9 19.21 53.56 -24.12
C LEU B 9 19.21 52.28 -23.28
N LEU B 10 19.48 52.42 -21.98
CA LEU B 10 19.53 51.26 -21.08
C LEU B 10 18.16 50.82 -20.52
N GLU B 11 18.09 50.56 -19.22
CA GLU B 11 16.83 50.10 -18.56
C GLU B 11 16.38 51.05 -17.44
N ASP B 12 15.14 50.87 -16.98
CA ASP B 12 14.57 51.66 -15.89
C ASP B 12 13.44 50.81 -15.24
N ARG B 13 12.40 51.41 -14.65
CA ARG B 13 11.34 50.62 -14.01
C ARG B 13 11.94 49.88 -12.81
N ILE B 14 12.74 50.61 -12.03
CA ILE B 14 13.42 50.09 -10.84
C ILE B 14 12.48 49.64 -9.74
N LEU B 15 12.91 48.64 -8.97
CA LEU B 15 12.10 48.10 -7.87
C LEU B 15 12.95 47.30 -6.92
N THR B 16 12.85 47.64 -5.65
CA THR B 16 13.59 46.94 -4.61
C THR B 16 12.62 46.15 -3.75
N THR B 17 12.88 44.85 -3.55
CA THR B 17 12.01 44.03 -2.70
C THR B 17 12.79 43.77 -1.43
N ARG B 18 12.10 43.59 -0.31
CA ARG B 18 12.80 43.31 0.93
C ARG B 18 12.04 42.41 1.87
N ASN B 19 12.67 41.32 2.28
CA ASN B 19 12.07 40.40 3.23
C ASN B 19 13.17 40.19 4.21
N GLY B 20 12.88 40.44 5.49
CA GLY B 20 13.90 40.28 6.52
C GLY B 20 15.08 41.16 6.19
N HIS B 21 16.28 40.72 6.56
CA HIS B 21 17.46 41.51 6.28
C HIS B 21 18.03 41.20 4.90
N THR B 22 17.15 41.05 3.91
CA THR B 22 17.60 40.74 2.58
C THR B 22 16.84 41.57 1.55
N THR B 23 17.56 42.20 0.64
CA THR B 23 16.95 43.02 -0.38
C THR B 23 17.19 42.45 -1.79
N SER B 24 16.55 43.04 -2.79
CA SER B 24 16.74 42.62 -4.17
C SER B 24 16.27 43.68 -5.16
N THR B 25 17.20 44.50 -5.56
CA THR B 25 16.97 45.58 -6.49
C THR B 25 16.94 45.02 -7.94
N THR B 26 16.21 45.70 -8.84
CA THR B 26 16.07 45.26 -10.25
C THR B 26 15.70 46.39 -11.17
N GLN B 27 16.67 46.89 -11.93
CA GLN B 27 16.41 48.00 -12.84
C GLN B 27 15.65 47.60 -14.11
N SER B 28 14.84 46.56 -14.05
CA SER B 28 14.10 46.09 -15.23
C SER B 28 12.90 45.27 -14.79
N SER B 29 12.09 45.87 -13.92
CA SER B 29 10.91 45.19 -13.41
C SER B 29 9.80 45.35 -14.42
N VAL B 30 8.74 44.59 -14.24
CA VAL B 30 7.58 44.63 -15.11
C VAL B 30 6.39 44.56 -14.15
N GLY B 31 6.68 44.86 -12.88
CA GLY B 31 5.68 44.82 -11.84
C GLY B 31 5.76 43.50 -11.13
N VAL B 32 4.75 43.19 -10.32
CA VAL B 32 4.69 41.93 -9.61
C VAL B 32 3.29 41.40 -9.64
N THR B 33 3.18 40.15 -10.02
CA THR B 33 1.90 39.51 -10.12
C THR B 33 1.47 38.99 -8.76
N PHE B 34 0.22 39.27 -8.42
CA PHE B 34 -0.34 38.81 -7.17
C PHE B 34 -1.20 37.61 -7.31
N GLY B 35 -0.97 36.66 -6.40
CA GLY B 35 -1.65 35.38 -6.36
C GLY B 35 -3.13 35.23 -6.67
N TYR B 36 -3.78 34.56 -5.75
CA TYR B 36 -5.18 34.31 -5.91
C TYR B 36 -5.93 35.22 -4.95
N ALA B 37 -5.15 36.02 -4.23
CA ALA B 37 -5.70 36.94 -3.26
C ALA B 37 -4.60 37.87 -2.81
N THR B 38 -5.01 38.89 -2.07
CA THR B 38 -4.14 39.91 -1.52
C THR B 38 -3.75 39.65 -0.07
N ALA B 39 -4.52 38.83 0.63
CA ALA B 39 -4.24 38.49 2.02
C ALA B 39 -4.70 37.07 2.32
N GLU B 40 -3.91 36.33 3.10
CA GLU B 40 -4.26 34.95 3.44
C GLU B 40 -5.46 34.87 4.38
N ASP B 41 -6.14 33.73 4.39
CA ASP B 41 -7.28 33.56 5.28
C ASP B 41 -6.82 33.65 6.75
N SER B 42 -7.72 33.42 7.69
CA SER B 42 -7.33 33.53 9.09
C SER B 42 -6.22 32.58 9.46
N THR B 43 -5.14 33.15 9.97
CA THR B 43 -3.99 32.37 10.35
C THR B 43 -4.18 31.57 11.65
N SER B 44 -5.23 31.89 12.42
CA SER B 44 -5.46 31.18 13.68
C SER B 44 -6.76 30.40 13.73
N GLY B 45 -6.73 29.20 13.18
CA GLY B 45 -7.92 28.38 13.14
C GLY B 45 -8.09 27.51 14.36
N PRO B 46 -9.24 26.83 14.45
CA PRO B 46 -9.63 25.92 15.53
C PRO B 46 -8.74 24.67 15.52
N ASN B 47 -8.30 24.32 14.31
CA ASN B 47 -7.47 23.16 14.04
C ASN B 47 -6.13 23.30 14.72
N THR B 48 -5.84 24.46 15.26
CA THR B 48 -4.57 24.66 15.93
C THR B 48 -4.74 24.93 17.42
N SER B 49 -5.97 24.75 17.93
CA SER B 49 -6.30 25.06 19.33
C SER B 49 -5.55 26.34 19.78
N ALA B 50 -5.26 27.18 18.79
CA ALA B 50 -4.54 28.43 18.97
C ALA B 50 -3.24 28.31 19.76
N LEU B 51 -2.43 27.33 19.40
CA LEU B 51 -1.14 27.13 20.01
C LEU B 51 -0.11 27.53 18.94
N GLU B 52 -0.62 27.97 17.77
CA GLU B 52 0.24 28.38 16.65
C GLU B 52 1.03 29.64 16.98
N THR B 53 2.14 29.85 16.28
CA THR B 53 2.97 31.05 16.45
C THR B 53 3.52 31.41 15.07
N ARG B 54 4.09 32.59 14.93
CA ARG B 54 4.62 33.00 13.64
C ARG B 54 6.07 33.38 13.82
N VAL B 55 6.89 33.02 12.83
CA VAL B 55 8.30 33.35 12.92
C VAL B 55 8.75 34.36 11.86
N HIS B 56 9.13 35.54 12.34
CA HIS B 56 9.54 36.61 11.45
C HIS B 56 10.85 36.29 10.79
N GLN B 57 11.69 35.54 11.49
CA GLN B 57 13.02 35.19 11.01
C GLN B 57 13.04 34.36 9.74
N ALA B 58 12.05 33.49 9.59
CA ALA B 58 11.95 32.63 8.42
C ALA B 58 11.73 33.46 7.16
N GLU B 59 10.88 34.48 7.26
CA GLU B 59 10.56 35.36 6.14
C GLU B 59 11.73 36.21 5.67
N ARG B 60 12.61 35.56 4.89
CA ARG B 60 13.78 36.19 4.33
C ARG B 60 14.04 35.46 3.02
N PHE B 61 14.90 36.08 2.22
CA PHE B 61 15.25 35.53 0.92
C PHE B 61 16.21 34.35 1.02
N PHE B 62 16.07 33.46 0.05
CA PHE B 62 16.94 32.31 -0.10
C PHE B 62 16.99 32.04 -1.61
N LYS B 63 18.18 31.75 -2.11
CA LYS B 63 18.35 31.49 -3.53
C LYS B 63 18.44 30.00 -3.82
N MET B 64 18.05 29.63 -5.04
CA MET B 64 18.11 28.25 -5.53
C MET B 64 18.05 28.30 -7.06
N ALA B 65 18.97 27.60 -7.73
CA ALA B 65 19.05 27.59 -9.19
C ALA B 65 18.01 26.74 -9.89
N LEU B 66 17.72 27.09 -11.13
CA LEU B 66 16.72 26.37 -11.92
C LEU B 66 17.29 25.53 -13.06
N PHE B 67 17.73 26.19 -14.14
CA PHE B 67 18.30 25.48 -15.28
C PHE B 67 18.96 26.47 -16.24
N ASP B 68 19.48 25.96 -17.35
CA ASP B 68 20.11 26.81 -18.37
C ASP B 68 19.24 26.77 -19.60
N TRP B 69 18.82 27.94 -20.04
CA TRP B 69 17.98 28.07 -21.20
C TRP B 69 18.90 28.22 -22.42
N VAL B 70 18.76 27.29 -23.36
CA VAL B 70 19.57 27.26 -24.57
C VAL B 70 18.62 27.11 -25.77
N PRO B 71 19.05 27.59 -26.95
CA PRO B 71 18.27 27.56 -28.19
C PRO B 71 17.69 26.19 -28.57
N SER B 72 18.33 25.13 -28.06
CA SER B 72 17.93 23.75 -28.32
C SER B 72 16.50 23.53 -27.85
N GLN B 73 16.30 23.67 -26.54
CA GLN B 73 14.99 23.50 -25.92
C GLN B 73 14.05 24.50 -26.56
N ASN B 74 13.01 23.95 -27.15
CA ASN B 74 12.01 24.75 -27.82
C ASN B 74 10.68 24.73 -27.06
N PHE B 75 9.61 25.12 -27.75
CA PHE B 75 8.30 25.20 -27.12
C PHE B 75 7.93 24.08 -26.16
N GLY B 76 7.25 24.47 -25.08
CA GLY B 76 6.79 23.50 -24.11
C GLY B 76 7.87 22.92 -23.21
N HIS B 77 9.14 23.26 -23.44
CA HIS B 77 10.19 22.70 -22.57
C HIS B 77 9.95 23.28 -21.22
N MET B 78 9.73 22.43 -20.24
CA MET B 78 9.41 22.96 -18.94
C MET B 78 10.18 22.40 -17.76
N HIS B 79 10.50 23.28 -16.82
CA HIS B 79 11.24 22.93 -15.61
C HIS B 79 10.35 23.25 -14.39
N LYS B 80 9.87 22.22 -13.70
CA LYS B 80 9.03 22.40 -12.52
C LYS B 80 9.77 22.04 -11.22
N VAL B 81 9.24 22.50 -10.09
CA VAL B 81 9.79 22.22 -8.74
C VAL B 81 8.70 22.53 -7.68
N VAL B 82 8.65 21.71 -6.62
CA VAL B 82 7.68 21.95 -5.58
C VAL B 82 8.38 22.65 -4.44
N LEU B 83 7.78 23.74 -3.97
CA LEU B 83 8.35 24.50 -2.87
C LEU B 83 7.76 23.85 -1.63
N PRO B 84 8.54 23.76 -0.54
CA PRO B 84 9.92 24.20 -0.30
C PRO B 84 11.10 23.48 -0.97
N HIS B 85 10.96 22.18 -1.17
CA HIS B 85 12.03 21.34 -1.71
C HIS B 85 13.04 21.17 -0.56
N GLU B 86 14.33 21.06 -0.83
CA GLU B 86 15.24 20.94 0.31
C GLU B 86 15.34 22.34 0.85
N PRO B 87 14.94 22.53 2.11
CA PRO B 87 14.99 23.84 2.76
C PRO B 87 16.13 23.89 3.75
N LYS B 88 16.88 24.98 3.72
CA LYS B 88 18.01 25.14 4.63
C LYS B 88 17.74 26.32 5.55
N GLY B 89 18.70 26.56 6.45
CA GLY B 89 18.64 27.66 7.39
C GLY B 89 17.45 27.66 8.31
N VAL B 90 17.17 28.84 8.85
CA VAL B 90 16.05 29.08 9.76
C VAL B 90 14.77 28.44 9.29
N TYR B 91 14.38 28.78 8.06
CA TYR B 91 13.17 28.23 7.48
C TYR B 91 13.22 26.72 7.56
N GLY B 92 14.34 26.15 7.13
CA GLY B 92 14.50 24.70 7.17
C GLY B 92 14.32 24.17 8.58
N GLY B 93 14.96 24.82 9.54
CA GLY B 93 14.87 24.40 10.92
C GLY B 93 13.45 24.22 11.43
N LEU B 94 12.55 25.09 10.98
CA LEU B 94 11.16 25.02 11.39
C LEU B 94 10.54 23.68 11.07
N VAL B 95 10.79 23.21 9.86
CA VAL B 95 10.25 21.95 9.38
C VAL B 95 10.64 20.74 10.24
N LYS B 96 11.82 20.81 10.84
CA LYS B 96 12.31 19.73 11.68
C LYS B 96 11.80 19.81 13.10
N SER B 97 11.32 20.98 13.53
CA SER B 97 10.82 21.13 14.91
C SER B 97 9.33 21.31 15.16
N TYR B 98 8.56 21.53 14.08
CA TYR B 98 7.11 21.70 14.21
C TYR B 98 6.35 20.72 13.35
N ALA B 99 5.35 20.08 13.95
CA ALA B 99 4.53 19.09 13.26
C ALA B 99 3.80 19.67 12.06
N TYR B 100 3.12 20.79 12.26
CA TYR B 100 2.36 21.43 11.18
C TYR B 100 2.78 22.88 10.94
N MET B 101 2.63 23.35 9.70
CA MET B 101 2.98 24.72 9.36
C MET B 101 2.36 25.22 8.04
N ARG B 102 2.44 26.53 7.82
CA ARG B 102 1.89 27.17 6.62
C ARG B 102 2.58 28.50 6.28
N ASN B 103 2.62 28.82 4.99
CA ASN B 103 3.24 30.05 4.49
C ASN B 103 3.01 30.16 2.98
N GLY B 104 3.08 31.39 2.48
CA GLY B 104 2.89 31.65 1.06
C GLY B 104 4.26 31.89 0.50
N TRP B 105 4.34 32.38 -0.74
CA TRP B 105 5.64 32.58 -1.37
C TRP B 105 5.87 33.90 -2.05
N ASP B 106 7.08 34.42 -1.89
CA ASP B 106 7.45 35.62 -2.61
C ASP B 106 8.52 35.11 -3.56
N VAL B 107 8.15 34.97 -4.83
CA VAL B 107 9.07 34.46 -5.84
C VAL B 107 9.54 35.48 -6.85
N GLU B 108 10.83 35.52 -7.07
CA GLU B 108 11.44 36.45 -8.01
C GLU B 108 12.36 35.57 -8.85
N VAL B 109 11.96 35.27 -10.08
CA VAL B 109 12.74 34.42 -10.99
C VAL B 109 13.56 35.29 -11.94
N THR B 110 14.85 35.03 -12.01
CA THR B 110 15.66 35.89 -12.83
C THR B 110 16.55 35.23 -13.87
N ALA B 111 16.09 35.34 -15.12
CA ALA B 111 16.80 34.80 -16.27
C ALA B 111 17.66 35.88 -16.93
N VAL B 112 18.83 36.13 -16.36
CA VAL B 112 19.71 37.16 -16.92
C VAL B 112 20.52 36.77 -18.17
N GLY B 113 20.12 37.39 -19.27
CA GLY B 113 20.76 37.16 -20.54
C GLY B 113 21.25 38.52 -21.01
N ASN B 114 20.65 39.03 -22.06
CA ASN B 114 21.02 40.33 -22.63
C ASN B 114 19.95 40.72 -23.65
N GLN B 115 19.68 42.02 -23.79
CA GLN B 115 18.64 42.54 -24.69
C GLN B 115 18.67 42.17 -26.18
N PHE B 116 19.70 41.45 -26.63
CA PHE B 116 19.77 41.07 -28.05
C PHE B 116 19.33 39.67 -28.32
N ASN B 117 18.91 38.99 -27.27
CA ASN B 117 18.39 37.65 -27.37
C ASN B 117 16.91 37.82 -27.75
N GLY B 118 16.34 36.80 -28.36
CA GLY B 118 14.93 36.84 -28.68
C GLY B 118 14.45 35.72 -27.79
N GLY B 119 13.23 35.24 -27.99
CA GLY B 119 12.78 34.14 -27.13
C GLY B 119 12.02 34.65 -25.93
N CYS B 120 11.34 33.73 -25.26
CA CYS B 120 10.54 34.12 -24.13
C CYS B 120 10.08 32.97 -23.22
N LEU B 121 10.22 33.19 -21.93
CA LEU B 121 9.84 32.23 -20.90
C LEU B 121 8.55 32.65 -20.23
N LEU B 122 7.85 31.67 -19.69
CA LEU B 122 6.62 31.90 -18.95
C LEU B 122 6.85 31.29 -17.57
N VAL B 123 6.77 32.10 -16.51
CA VAL B 123 6.94 31.56 -15.15
C VAL B 123 5.63 31.68 -14.37
N ALA B 124 5.24 30.57 -13.73
CA ALA B 124 3.99 30.50 -12.97
C ALA B 124 4.13 29.68 -11.69
N LEU B 125 3.11 29.74 -10.85
CA LEU B 125 3.07 28.97 -9.60
C LEU B 125 1.77 28.21 -9.65
N VAL B 126 1.83 26.92 -9.34
CA VAL B 126 0.62 26.16 -9.42
C VAL B 126 0.22 25.36 -8.19
N PRO B 127 -1.06 25.40 -7.85
CA PRO B 127 -1.62 24.69 -6.70
C PRO B 127 -1.92 23.23 -7.05
N GLU B 128 -1.34 22.30 -6.29
CA GLU B 128 -1.58 20.88 -6.52
C GLU B 128 -1.29 20.48 -7.96
N MET B 129 -0.16 20.94 -8.50
CA MET B 129 0.18 20.60 -9.88
C MET B 129 0.61 19.16 -10.01
N GLY B 130 -0.15 18.39 -10.78
CA GLY B 130 0.19 16.99 -10.95
C GLY B 130 0.37 16.54 -12.39
N ASP B 131 1.45 16.98 -13.03
CA ASP B 131 1.75 16.60 -14.41
C ASP B 131 0.75 17.07 -15.45
N ILE B 132 1.14 18.07 -16.21
CA ILE B 132 0.26 18.59 -17.24
C ILE B 132 0.42 17.83 -18.53
N SER B 133 -0.61 17.83 -19.35
CA SER B 133 -0.55 17.19 -20.64
C SER B 133 0.17 18.20 -21.56
N ASP B 134 0.50 17.78 -22.77
CA ASP B 134 1.15 18.67 -23.71
C ASP B 134 0.21 19.79 -24.09
N ARG B 135 -1.04 19.43 -24.35
CA ARG B 135 -2.10 20.38 -24.72
C ARG B 135 -2.32 21.46 -23.67
N GLU B 136 -2.49 21.03 -22.42
CA GLU B 136 -2.72 21.96 -21.36
C GLU B 136 -1.52 22.78 -20.90
N LYS B 137 -0.53 22.94 -21.75
CA LYS B 137 0.58 23.81 -21.38
C LYS B 137 0.11 25.14 -21.95
N TYR B 138 -0.76 25.04 -22.95
CA TYR B 138 -1.35 26.18 -23.64
C TYR B 138 -2.23 27.00 -22.73
N GLN B 139 -2.81 26.34 -21.72
CA GLN B 139 -3.68 26.99 -20.75
C GLN B 139 -2.96 27.07 -19.41
N LEU B 140 -1.72 27.50 -19.45
CA LEU B 140 -0.94 27.61 -18.23
C LEU B 140 -1.14 28.99 -17.63
N THR B 141 -1.60 29.91 -18.46
CA THR B 141 -1.85 31.29 -18.07
C THR B 141 -2.96 31.46 -17.01
N LEU B 142 -3.68 30.37 -16.71
CA LEU B 142 -4.75 30.38 -15.68
C LEU B 142 -4.16 30.42 -14.27
N TYR B 143 -2.84 30.34 -14.21
CA TYR B 143 -2.14 30.36 -12.96
C TYR B 143 -1.38 31.66 -12.79
N PRO B 144 -1.14 32.03 -11.54
CA PRO B 144 -0.40 33.26 -11.25
C PRO B 144 0.88 33.21 -12.11
N HIS B 145 0.99 34.06 -13.11
CA HIS B 145 2.17 34.00 -13.96
C HIS B 145 2.78 35.33 -14.33
N GLN B 146 3.86 35.27 -15.10
CA GLN B 146 4.56 36.48 -15.56
C GLN B 146 5.62 36.07 -16.59
N PHE B 147 5.69 36.78 -17.72
CA PHE B 147 6.65 36.47 -18.75
C PHE B 147 7.98 37.18 -18.63
N ILE B 148 9.03 36.52 -19.11
CA ILE B 148 10.35 37.12 -19.16
C ILE B 148 10.58 37.15 -20.67
N ASN B 149 10.95 38.30 -21.20
CA ASN B 149 11.16 38.45 -22.63
C ASN B 149 12.29 39.45 -22.68
N PRO B 150 13.48 39.01 -23.12
CA PRO B 150 14.75 39.74 -23.27
C PRO B 150 14.67 41.17 -23.79
N ARG B 151 13.82 41.40 -24.79
CA ARG B 151 13.67 42.75 -25.31
C ARG B 151 13.12 43.67 -24.20
N THR B 152 12.29 43.09 -23.33
CA THR B 152 11.65 43.82 -22.25
C THR B 152 12.25 43.66 -20.84
N ASN B 153 12.09 42.49 -20.23
CA ASN B 153 12.58 42.32 -18.87
C ASN B 153 13.54 41.18 -18.63
N MET B 154 14.16 41.22 -17.45
CA MET B 154 15.13 40.23 -16.99
C MET B 154 14.52 39.39 -15.86
N THR B 155 13.70 40.05 -15.04
CA THR B 155 13.10 39.42 -13.87
C THR B 155 11.60 39.34 -13.91
N ALA B 156 11.06 38.27 -13.36
CA ALA B 156 9.63 38.07 -13.26
C ALA B 156 9.42 37.94 -11.77
N HIS B 157 8.38 38.60 -11.25
CA HIS B 157 8.09 38.57 -9.81
C HIS B 157 6.64 38.24 -9.56
N ILE B 158 6.41 37.26 -8.70
CA ILE B 158 5.06 36.82 -8.39
C ILE B 158 4.98 36.55 -6.92
N THR B 159 3.94 37.08 -6.27
CA THR B 159 3.76 36.85 -4.86
C THR B 159 2.49 36.05 -4.77
N VAL B 160 2.46 35.08 -3.86
CA VAL B 160 1.33 34.16 -3.75
C VAL B 160 1.07 33.70 -2.31
N PRO B 161 -0.23 33.52 -1.93
CA PRO B 161 -0.71 33.07 -0.62
C PRO B 161 -0.67 31.58 -0.37
N TYR B 162 -0.70 31.17 0.88
CA TYR B 162 -0.73 29.75 1.16
C TYR B 162 -2.15 29.25 0.81
N VAL B 163 -2.24 28.02 0.27
CA VAL B 163 -3.52 27.41 -0.11
C VAL B 163 -3.53 25.94 0.34
N GLY B 164 -4.68 25.30 0.27
CA GLY B 164 -4.73 23.90 0.66
C GLY B 164 -6.08 23.58 1.27
N VAL B 165 -6.43 22.30 1.32
CA VAL B 165 -7.72 21.95 1.88
C VAL B 165 -7.62 21.99 3.39
N ASN B 166 -6.42 22.31 3.88
CA ASN B 166 -6.19 22.39 5.30
C ASN B 166 -5.55 23.69 5.67
N ARG B 167 -6.02 24.29 6.77
CA ARG B 167 -5.49 25.56 7.22
C ARG B 167 -3.98 25.50 7.44
N TYR B 168 -3.52 24.33 7.88
CA TYR B 168 -2.11 24.09 8.12
C TYR B 168 -1.75 22.74 7.47
N ASP B 169 -0.49 22.60 7.04
CA ASP B 169 0.00 21.37 6.38
C ASP B 169 1.17 20.71 7.14
N GLN B 170 1.66 19.62 6.56
CA GLN B 170 2.81 18.86 7.07
C GLN B 170 3.60 18.80 5.79
N TYR B 171 4.41 19.82 5.59
CA TYR B 171 5.23 19.96 4.40
C TYR B 171 5.95 18.66 4.05
N LYS B 172 6.28 17.90 5.09
CA LYS B 172 6.98 16.63 4.95
C LYS B 172 6.17 15.62 4.17
N GLN B 173 5.00 16.03 3.65
CA GLN B 173 4.19 15.11 2.89
C GLN B 173 2.98 15.73 2.23
N HIS B 174 3.19 16.93 1.74
CA HIS B 174 2.24 17.72 0.99
C HIS B 174 2.63 19.15 1.04
N ARG B 175 2.83 19.68 -0.14
CA ARG B 175 3.20 21.05 -0.36
C ARG B 175 2.19 21.41 -1.45
N PRO B 176 1.63 22.64 -1.42
CA PRO B 176 0.67 22.91 -2.48
C PRO B 176 1.30 23.61 -3.69
N TRP B 177 2.27 24.47 -3.40
CA TRP B 177 2.90 25.23 -4.46
C TRP B 177 4.00 24.56 -5.27
N THR B 178 3.89 24.66 -6.59
CA THR B 178 4.85 24.11 -7.54
C THR B 178 5.26 25.21 -8.51
N LEU B 179 6.50 25.69 -8.41
CA LEU B 179 7.01 26.75 -9.31
C LEU B 179 7.43 26.15 -10.63
N VAL B 180 6.87 26.61 -11.74
CA VAL B 180 7.25 26.07 -13.05
C VAL B 180 7.75 27.19 -13.95
N VAL B 181 8.53 26.84 -14.96
CA VAL B 181 9.05 27.80 -15.94
C VAL B 181 9.02 27.03 -17.23
N MET B 182 8.48 27.62 -18.28
CA MET B 182 8.36 26.95 -19.56
C MET B 182 8.79 27.85 -20.69
N VAL B 183 9.32 27.25 -21.74
CA VAL B 183 9.73 28.02 -22.88
C VAL B 183 8.50 28.14 -23.73
N VAL B 184 8.26 29.33 -24.26
CA VAL B 184 7.12 29.54 -25.13
C VAL B 184 7.66 29.91 -26.51
N ALA B 185 8.75 30.65 -26.54
CA ALA B 185 9.41 31.04 -27.78
C ALA B 185 10.82 30.57 -27.50
N PRO B 186 11.37 29.68 -28.34
CA PRO B 186 12.73 29.19 -28.11
C PRO B 186 13.72 30.34 -28.10
N LEU B 187 14.76 30.20 -27.29
CA LEU B 187 15.77 31.24 -27.18
C LEU B 187 16.47 31.60 -28.49
N THR B 188 16.46 32.87 -28.85
CA THR B 188 17.12 33.35 -30.07
C THR B 188 18.48 33.85 -29.60
N THR B 189 19.50 33.75 -30.45
CA THR B 189 20.80 34.22 -30.03
C THR B 189 21.35 35.33 -30.93
N ASN B 190 20.96 35.33 -32.20
CA ASN B 190 21.40 36.35 -33.18
C ASN B 190 22.90 36.62 -33.14
N THR B 191 23.27 37.81 -33.61
CA THR B 191 24.67 38.24 -33.65
C THR B 191 25.28 38.45 -32.28
N ALA B 192 24.64 39.30 -31.47
CA ALA B 192 25.16 39.65 -30.15
C ALA B 192 24.35 39.22 -28.94
N GLY B 193 23.57 38.15 -29.05
CA GLY B 193 22.81 37.71 -27.89
C GLY B 193 23.76 37.03 -26.92
N ALA B 194 23.25 36.44 -25.85
CA ALA B 194 24.12 35.73 -24.92
C ALA B 194 23.95 34.29 -25.37
N GLN B 195 25.04 33.53 -25.37
CA GLN B 195 25.03 32.14 -25.80
C GLN B 195 23.92 31.29 -25.17
N GLN B 196 23.82 31.40 -23.86
CA GLN B 196 22.84 30.65 -23.10
C GLN B 196 22.49 31.50 -21.86
N ILE B 197 21.32 31.21 -21.27
CA ILE B 197 20.84 31.96 -20.11
C ILE B 197 20.67 31.12 -18.84
N LYS B 198 21.36 31.56 -17.78
CA LYS B 198 21.28 30.88 -16.49
C LYS B 198 20.04 31.41 -15.76
N VAL B 199 19.17 30.51 -15.32
CA VAL B 199 17.94 30.91 -14.61
C VAL B 199 17.97 30.57 -13.11
N TYR B 200 17.86 31.59 -12.26
CA TYR B 200 17.85 31.41 -10.81
C TYR B 200 16.56 31.90 -10.23
N ALA B 201 16.40 31.68 -8.94
CA ALA B 201 15.22 32.11 -8.21
C ALA B 201 15.61 32.70 -6.87
N ASN B 202 14.89 33.74 -6.49
CA ASN B 202 15.11 34.39 -5.22
C ASN B 202 13.76 34.23 -4.57
N ILE B 203 13.73 33.49 -3.48
CA ILE B 203 12.47 33.21 -2.82
C ILE B 203 12.43 33.58 -1.36
N ALA B 204 11.23 33.80 -0.86
CA ALA B 204 11.00 34.14 0.52
C ALA B 204 9.70 33.50 0.93
N PRO B 205 9.72 32.78 2.06
CA PRO B 205 8.53 32.12 2.59
C PRO B 205 7.76 33.26 3.26
N THR B 206 6.52 33.49 2.88
CA THR B 206 5.82 34.62 3.47
C THR B 206 4.82 34.26 4.53
N ASN B 207 4.81 35.03 5.62
CA ASN B 207 3.83 34.83 6.67
C ASN B 207 3.89 33.39 7.23
N VAL B 208 5.09 32.97 7.62
CA VAL B 208 5.26 31.62 8.13
C VAL B 208 4.73 31.38 9.54
N HIS B 209 3.81 30.44 9.67
CA HIS B 209 3.23 30.08 10.96
C HIS B 209 3.45 28.61 11.23
N VAL B 210 3.74 28.26 12.47
CA VAL B 210 4.01 26.88 12.84
C VAL B 210 3.31 26.47 14.11
N ALA B 211 2.95 25.21 14.20
CA ALA B 211 2.25 24.73 15.37
C ALA B 211 2.56 23.27 15.68
N GLY B 212 2.58 22.95 16.98
CA GLY B 212 2.84 21.59 17.41
C GLY B 212 4.32 21.22 17.50
N GLU B 213 4.98 21.76 18.52
CA GLU B 213 6.39 21.51 18.74
C GLU B 213 6.63 20.02 18.98
N LEU B 214 7.60 19.52 18.21
CA LEU B 214 8.03 18.12 18.20
C LEU B 214 9.14 17.88 19.20
N PRO B 215 9.40 16.61 19.54
CA PRO B 215 10.46 16.25 20.49
C PRO B 215 11.82 16.47 19.83
N SER B 216 12.90 16.34 20.57
CA SER B 216 14.19 16.54 19.94
C SER B 216 15.37 15.89 20.61
N LYS B 217 16.26 15.40 19.73
CA LYS B 217 17.47 14.70 20.12
C LYS B 217 18.75 15.54 20.00
N GLU B 218 18.68 16.65 19.28
CA GLU B 218 19.86 17.52 19.06
C GLU B 218 19.51 19.02 19.01
N GLY C 1 -63.60 21.96 -10.50
CA GLY C 1 -62.37 21.15 -10.50
C GLY C 1 -61.77 21.05 -9.11
N ILE C 2 -60.75 20.22 -8.98
CA ILE C 2 -60.06 20.06 -7.71
C ILE C 2 -58.62 20.46 -7.95
N PHE C 3 -57.88 20.53 -6.86
CA PHE C 3 -56.50 20.97 -6.90
C PHE C 3 -55.50 20.02 -7.54
N PRO C 4 -54.98 20.35 -8.75
CA PRO C 4 -54.00 19.55 -9.48
C PRO C 4 -52.60 19.54 -8.86
N VAL C 5 -52.18 18.32 -8.55
CA VAL C 5 -50.91 17.96 -7.92
C VAL C 5 -50.04 17.02 -8.76
N ALA C 6 -48.72 17.15 -8.60
CA ALA C 6 -47.74 16.32 -9.30
C ALA C 6 -47.04 15.44 -8.24
N CYS C 7 -47.36 14.14 -8.20
CA CYS C 7 -46.72 13.24 -7.21
C CYS C 7 -45.32 12.88 -7.71
N SER C 8 -44.34 13.64 -7.26
CA SER C 8 -42.98 13.43 -7.70
C SER C 8 -42.33 12.08 -7.36
N ASP C 9 -41.71 11.49 -8.37
CA ASP C 9 -41.02 10.20 -8.25
C ASP C 9 -39.73 10.42 -7.48
N GLY C 10 -39.36 9.42 -6.67
CA GLY C 10 -38.14 9.52 -5.88
C GLY C 10 -38.33 10.27 -4.59
N TYR C 11 -39.59 10.50 -4.25
CA TYR C 11 -39.97 11.22 -3.04
C TYR C 11 -41.00 10.37 -2.31
N GLY C 12 -40.84 10.23 -1.00
CA GLY C 12 -41.82 9.47 -0.24
C GLY C 12 -41.32 8.18 0.36
N ASN C 13 -40.20 7.69 -0.16
CA ASN C 13 -39.55 6.45 0.29
C ASN C 13 -39.43 6.53 1.80
N MET C 14 -39.74 5.43 2.47
CA MET C 14 -39.67 5.36 3.93
C MET C 14 -38.60 6.15 4.67
N VAL C 15 -37.37 5.65 4.73
CA VAL C 15 -36.25 6.33 5.44
C VAL C 15 -36.25 6.32 6.97
N THR C 16 -35.43 5.42 7.53
CA THR C 16 -35.25 5.20 8.98
C THR C 16 -34.85 6.40 9.81
N THR C 17 -34.51 7.47 9.11
CA THR C 17 -33.99 8.65 9.76
C THR C 17 -34.68 9.99 9.40
N ASP C 18 -35.79 9.95 8.67
CA ASP C 18 -36.45 11.20 8.27
C ASP C 18 -36.96 12.00 9.44
N PRO C 19 -36.97 13.33 9.27
CA PRO C 19 -37.41 14.31 10.28
C PRO C 19 -38.92 14.59 10.35
N LYS C 20 -39.75 13.66 9.90
CA LYS C 20 -41.19 13.87 9.97
C LYS C 20 -41.73 13.16 11.21
N THR C 21 -43.05 12.99 11.25
CA THR C 21 -43.70 12.33 12.38
C THR C 21 -44.92 11.60 11.84
N ALA C 22 -45.07 10.33 12.21
CA ALA C 22 -46.20 9.52 11.74
C ALA C 22 -47.53 10.07 12.22
N ASP C 23 -48.61 9.71 11.53
CA ASP C 23 -49.92 10.17 11.96
C ASP C 23 -50.21 9.42 13.27
N PRO C 24 -51.19 9.87 14.05
CA PRO C 24 -51.45 9.17 15.32
C PRO C 24 -52.77 8.41 15.25
N ALA C 25 -53.14 7.77 16.35
CA ALA C 25 -54.41 7.02 16.38
C ALA C 25 -55.06 6.95 17.75
N TYR C 26 -54.24 6.81 18.80
CA TYR C 26 -54.76 6.70 20.16
C TYR C 26 -54.43 8.03 20.84
N GLY C 27 -55.46 8.86 21.03
CA GLY C 27 -55.21 10.16 21.62
C GLY C 27 -55.90 10.45 22.94
N LYS C 28 -55.62 11.66 23.44
CA LYS C 28 -56.19 12.16 24.68
C LYS C 28 -55.65 11.39 25.90
N VAL C 29 -54.35 11.08 25.86
CA VAL C 29 -53.69 10.32 26.93
C VAL C 29 -52.80 11.24 27.81
N TYR C 30 -52.96 11.15 29.14
CA TYR C 30 -52.23 12.02 30.08
C TYR C 30 -51.23 11.36 31.02
N ASN C 31 -49.97 11.60 30.74
CA ASN C 31 -48.85 11.03 31.49
C ASN C 31 -48.75 11.34 32.98
N PRO C 32 -48.32 10.34 33.77
CA PRO C 32 -48.20 10.67 35.18
C PRO C 32 -47.12 11.74 35.26
N PRO C 33 -47.25 12.65 36.23
CA PRO C 33 -46.35 13.76 36.51
C PRO C 33 -44.95 13.36 36.91
N ARG C 34 -43.97 13.81 36.14
CA ARG C 34 -42.59 13.49 36.47
C ARG C 34 -41.76 14.74 36.75
N THR C 35 -42.32 15.62 37.55
CA THR C 35 -41.66 16.86 37.89
C THR C 35 -40.55 16.69 38.89
N ALA C 36 -39.37 17.15 38.48
CA ALA C 36 -38.17 17.12 39.30
C ALA C 36 -37.60 15.75 39.65
N LEU C 37 -37.48 14.89 38.66
CA LEU C 37 -36.89 13.60 38.94
C LEU C 37 -35.39 13.88 38.95
N PRO C 38 -34.69 13.39 39.99
CA PRO C 38 -33.24 13.61 40.10
C PRO C 38 -32.44 13.06 38.94
N GLY C 39 -31.26 13.63 38.79
CA GLY C 39 -30.30 13.20 37.79
C GLY C 39 -30.59 13.23 36.32
N ARG C 40 -31.40 14.18 35.85
CA ARG C 40 -31.64 14.23 34.43
C ARG C 40 -30.41 14.76 33.71
N PHE C 41 -30.19 14.28 32.49
CA PHE C 41 -29.10 14.77 31.68
C PHE C 41 -29.71 15.07 30.32
N THR C 42 -29.17 16.12 29.71
CA THR C 42 -29.69 16.63 28.45
C THR C 42 -28.86 16.34 27.23
N ASN C 43 -27.55 16.27 27.41
CA ASN C 43 -26.61 16.02 26.31
C ASN C 43 -25.49 15.16 26.89
N TYR C 44 -25.18 14.06 26.24
CA TYR C 44 -24.16 13.14 26.76
C TYR C 44 -22.86 13.79 27.19
N LEU C 45 -22.28 14.60 26.29
CA LEU C 45 -21.03 15.30 26.54
C LEU C 45 -20.94 16.07 27.87
N ASP C 46 -22.08 16.33 28.53
CA ASP C 46 -22.09 17.04 29.82
C ASP C 46 -21.58 16.06 30.85
N VAL C 47 -22.16 14.87 30.87
CA VAL C 47 -21.74 13.84 31.82
C VAL C 47 -20.28 13.51 31.52
N ALA C 48 -19.93 13.52 30.23
CA ALA C 48 -18.59 13.23 29.78
C ALA C 48 -17.55 14.24 30.29
N GLU C 49 -18.00 15.47 30.56
CA GLU C 49 -17.11 16.50 31.08
C GLU C 49 -17.04 16.37 32.61
N ALA C 50 -18.21 16.14 33.20
CA ALA C 50 -18.41 16.03 34.63
C ALA C 50 -17.82 14.82 35.32
N CYS C 51 -17.87 13.67 34.65
CA CYS C 51 -17.37 12.43 35.22
C CYS C 51 -16.23 11.83 34.41
N PRO C 52 -14.99 11.91 34.93
CA PRO C 52 -13.88 11.33 34.18
C PRO C 52 -13.84 9.83 34.52
N THR C 53 -13.66 9.00 33.50
CA THR C 53 -13.58 7.56 33.70
C THR C 53 -12.12 7.14 33.62
N PHE C 54 -11.82 5.89 33.91
CA PHE C 54 -10.42 5.44 33.92
C PHE C 54 -9.77 4.89 32.67
N LEU C 55 -8.48 5.15 32.57
CA LEU C 55 -7.70 4.62 31.47
C LEU C 55 -7.28 3.21 31.89
N MET C 56 -6.73 2.44 30.96
CA MET C 56 -6.31 1.08 31.30
C MET C 56 -4.93 0.72 30.80
N PHE C 57 -4.17 0.06 31.67
CA PHE C 57 -2.81 -0.37 31.39
C PHE C 57 -2.71 -1.84 31.79
N GLU C 58 -3.24 -2.71 30.94
CA GLU C 58 -3.26 -4.15 31.21
C GLU C 58 -4.05 -4.34 32.45
N ASN C 59 -5.35 -4.52 32.30
CA ASN C 59 -6.25 -4.72 33.42
C ASN C 59 -6.29 -3.70 34.59
N VAL C 60 -5.37 -2.72 34.65
CA VAL C 60 -5.44 -1.72 35.73
C VAL C 60 -5.51 -0.25 35.30
N PRO C 61 -6.20 0.58 36.12
CA PRO C 61 -6.41 2.02 35.94
C PRO C 61 -5.20 2.87 36.34
N TYR C 62 -4.36 2.35 37.22
CA TYR C 62 -3.20 3.11 37.65
C TYR C 62 -1.97 2.75 36.90
N VAL C 63 -0.91 3.47 37.25
CA VAL C 63 0.41 3.27 36.70
C VAL C 63 1.24 3.11 37.97
N SER C 64 2.24 2.24 37.88
CA SER C 64 3.07 1.96 39.03
C SER C 64 4.52 2.37 38.88
N THR C 65 4.99 3.05 39.90
CA THR C 65 6.36 3.53 39.97
C THR C 65 7.28 2.32 39.87
N ARG C 66 7.91 2.09 38.73
CA ARG C 66 8.78 0.94 38.65
C ARG C 66 9.90 1.11 39.71
N THR C 67 10.78 2.09 39.49
CA THR C 67 11.86 2.37 40.42
C THR C 67 12.24 3.84 40.26
N ASP C 68 12.96 4.37 41.23
CA ASP C 68 13.42 5.76 41.25
C ASP C 68 14.17 6.15 39.95
N GLY C 69 14.07 7.41 39.53
CA GLY C 69 14.75 7.85 38.32
C GLY C 69 13.87 8.11 37.10
N GLN C 70 14.51 8.51 36.00
CA GLN C 70 13.88 8.85 34.73
C GLN C 70 13.08 7.77 33.97
N ARG C 71 12.08 7.16 34.58
CA ARG C 71 11.36 6.11 33.86
C ARG C 71 10.15 6.59 33.08
N LEU C 72 9.88 5.98 31.92
CA LEU C 72 8.69 6.34 31.14
C LEU C 72 7.54 5.47 31.63
N LEU C 73 6.68 6.04 32.46
CA LEU C 73 5.54 5.33 33.05
C LEU C 73 4.46 4.86 32.10
N ALA C 74 4.22 5.62 31.03
CA ALA C 74 3.19 5.24 30.06
C ALA C 74 3.33 6.06 28.79
N LYS C 75 2.77 5.56 27.70
CA LYS C 75 2.82 6.27 26.43
C LYS C 75 1.74 5.66 25.57
N PHE C 76 0.95 6.51 24.92
CA PHE C 76 -0.13 6.00 24.10
C PHE C 76 -0.67 6.91 23.04
N ASP C 77 -1.41 6.24 22.17
CA ASP C 77 -2.06 6.80 21.00
C ASP C 77 -3.18 7.74 21.36
N VAL C 78 -3.27 8.82 20.60
CA VAL C 78 -4.30 9.81 20.81
C VAL C 78 -5.41 9.53 19.80
N SER C 79 -6.23 8.53 20.12
CA SER C 79 -7.39 8.15 19.30
C SER C 79 -8.40 7.62 20.31
N LEU C 80 -9.69 7.73 20.00
CA LEU C 80 -10.69 7.23 20.94
C LEU C 80 -10.80 5.71 20.85
N ALA C 81 -9.98 5.15 19.96
CA ALA C 81 -9.91 3.72 19.73
C ALA C 81 -8.83 3.10 20.61
N ALA C 82 -7.82 3.90 20.93
CA ALA C 82 -6.69 3.47 21.77
C ALA C 82 -7.04 2.43 22.82
N LYS C 83 -6.13 1.48 22.97
CA LYS C 83 -6.31 0.40 23.92
C LYS C 83 -6.49 0.95 25.33
N HIS C 84 -5.79 2.03 25.65
CA HIS C 84 -5.88 2.57 26.99
C HIS C 84 -7.21 3.22 27.32
N MET C 85 -7.90 3.69 26.27
CA MET C 85 -9.21 4.29 26.45
C MET C 85 -10.14 3.11 26.75
N SER C 86 -10.52 2.40 25.69
CA SER C 86 -11.35 1.19 25.77
C SER C 86 -12.41 1.04 26.86
N ASN C 87 -12.01 1.15 28.12
CA ASN C 87 -12.96 1.06 29.23
C ASN C 87 -13.51 2.46 29.59
N THR C 88 -13.00 3.44 28.86
CA THR C 88 -13.32 4.84 29.01
C THR C 88 -14.68 5.27 28.41
N TYR C 89 -15.47 5.99 29.22
CA TYR C 89 -16.80 6.50 28.82
C TYR C 89 -16.68 7.29 27.52
N LEU C 90 -15.68 8.13 27.48
CA LEU C 90 -15.42 8.96 26.33
C LEU C 90 -15.36 8.12 25.06
N ALA C 91 -14.64 7.00 25.12
CA ALA C 91 -14.48 6.14 23.95
C ALA C 91 -15.77 5.39 23.66
N GLY C 92 -16.41 4.90 24.72
CA GLY C 92 -17.65 4.17 24.57
C GLY C 92 -18.70 5.03 23.88
N LEU C 93 -18.53 6.33 24.04
CA LEU C 93 -19.45 7.31 23.47
C LEU C 93 -19.03 7.64 22.04
N ALA C 94 -17.76 8.02 21.90
CA ALA C 94 -17.21 8.41 20.60
C ALA C 94 -17.43 7.37 19.52
N GLN C 95 -17.64 6.13 19.95
CA GLN C 95 -17.83 5.04 19.01
C GLN C 95 -19.04 5.19 18.10
N TYR C 96 -19.84 6.23 18.31
CA TYR C 96 -21.02 6.42 17.47
C TYR C 96 -21.02 7.67 16.60
N TYR C 97 -19.85 8.25 16.41
CA TYR C 97 -19.70 9.45 15.60
C TYR C 97 -18.46 9.21 14.78
N THR C 98 -18.44 9.71 13.56
CA THR C 98 -17.26 9.51 12.71
C THR C 98 -16.14 10.47 13.09
N GLN C 99 -16.49 11.76 13.23
CA GLN C 99 -15.55 12.83 13.55
C GLN C 99 -15.60 13.42 14.98
N TYR C 100 -14.64 14.29 15.27
CA TYR C 100 -14.54 15.01 16.57
C TYR C 100 -13.48 16.14 16.48
N THR C 101 -13.44 16.99 17.50
CA THR C 101 -12.48 18.10 17.63
C THR C 101 -12.53 18.40 19.10
N GLY C 102 -11.51 19.06 19.63
CA GLY C 102 -11.65 19.34 21.03
C GLY C 102 -10.51 18.98 21.91
N THR C 103 -10.64 19.41 23.16
CA THR C 103 -9.63 19.19 24.17
C THR C 103 -10.02 18.00 25.01
N ILE C 104 -9.04 17.18 25.38
CA ILE C 104 -9.32 16.03 26.23
C ILE C 104 -8.55 16.20 27.53
N ASN C 105 -9.19 15.90 28.64
CA ASN C 105 -8.54 16.07 29.93
C ASN C 105 -8.07 14.79 30.57
N LEU C 106 -6.82 14.81 31.03
CA LEU C 106 -6.18 13.70 31.70
C LEU C 106 -6.07 14.04 33.18
N HIS C 107 -6.36 13.08 34.03
CA HIS C 107 -6.32 13.34 35.46
C HIS C 107 -5.44 12.32 36.14
N PHE C 108 -4.49 12.78 36.96
CA PHE C 108 -3.55 11.91 37.65
C PHE C 108 -3.64 12.00 39.16
N MET C 109 -4.27 11.02 39.78
CA MET C 109 -4.38 11.01 41.24
C MET C 109 -3.38 10.08 41.91
N PHE C 110 -2.43 10.66 42.63
CA PHE C 110 -1.40 9.91 43.35
C PHE C 110 -1.99 9.32 44.63
N THR C 111 -1.88 8.00 44.72
CA THR C 111 -2.40 7.20 45.80
C THR C 111 -1.44 6.79 46.94
N GLY C 112 -0.16 7.13 46.77
CA GLY C 112 0.86 6.78 47.74
C GLY C 112 0.64 7.22 49.18
N PRO C 113 1.52 6.75 50.09
CA PRO C 113 1.47 7.07 51.51
C PRO C 113 2.07 8.44 51.75
N THR C 114 1.80 8.98 52.93
CA THR C 114 2.29 10.30 53.30
C THR C 114 3.82 10.48 53.21
N ASP C 115 4.59 9.40 53.33
CA ASP C 115 6.05 9.45 53.25
C ASP C 115 6.59 9.20 51.83
N ALA C 116 5.69 9.03 50.87
CA ALA C 116 6.08 8.76 49.51
C ALA C 116 5.97 9.99 48.63
N LYS C 117 7.09 10.46 48.12
CA LYS C 117 7.07 11.64 47.26
C LYS C 117 7.62 11.36 45.87
N ALA C 118 7.05 12.01 44.87
CA ALA C 118 7.47 11.82 43.49
C ALA C 118 7.28 13.09 42.65
N ARG C 119 7.84 13.11 41.45
CA ARG C 119 7.70 14.25 40.54
C ARG C 119 7.46 13.67 39.15
N TYR C 120 6.43 14.14 38.45
CA TYR C 120 6.12 13.62 37.13
C TYR C 120 6.11 14.64 36.04
N MET C 121 6.05 14.15 34.81
CA MET C 121 6.01 14.99 33.64
C MET C 121 5.07 14.31 32.67
N VAL C 122 4.30 15.10 31.94
CA VAL C 122 3.38 14.58 30.93
C VAL C 122 3.54 15.50 29.73
N ALA C 123 3.58 14.92 28.53
CA ALA C 123 3.73 15.71 27.32
C ALA C 123 2.85 15.15 26.24
N TYR C 124 2.62 15.98 25.22
CA TYR C 124 1.80 15.60 24.07
C TYR C 124 2.77 15.65 22.93
N VAL C 125 3.04 14.48 22.37
CA VAL C 125 3.95 14.38 21.25
C VAL C 125 3.20 14.39 19.94
N PRO C 126 3.26 15.54 19.24
CA PRO C 126 2.56 15.58 17.96
C PRO C 126 3.29 14.67 16.99
N PRO C 127 2.57 14.13 16.00
CA PRO C 127 3.16 13.25 15.01
C PRO C 127 4.21 13.96 14.15
N GLY C 128 5.18 13.18 13.67
CA GLY C 128 6.23 13.72 12.81
C GLY C 128 7.58 13.16 13.20
N MET C 129 7.62 12.61 14.41
CA MET C 129 8.82 12.03 14.96
C MET C 129 8.31 10.80 15.65
N ASP C 130 9.16 10.20 16.48
CA ASP C 130 8.75 9.04 17.23
C ASP C 130 8.74 9.46 18.67
N ALA C 131 7.72 9.03 19.38
CA ALA C 131 7.57 9.35 20.80
C ALA C 131 8.86 9.10 21.57
N PRO C 132 9.45 10.15 22.16
CA PRO C 132 10.71 10.03 22.92
C PRO C 132 10.47 9.18 24.16
N ASP C 133 11.50 8.44 24.54
CA ASP C 133 11.42 7.54 25.69
C ASP C 133 11.99 8.14 26.98
N ASN C 134 12.42 9.39 26.91
CA ASN C 134 13.01 10.06 28.06
C ASN C 134 12.64 11.52 28.06
N PRO C 135 12.40 12.08 29.24
CA PRO C 135 12.03 13.49 29.37
C PRO C 135 12.84 14.47 28.52
N GLU C 136 14.15 14.51 28.69
CA GLU C 136 14.94 15.49 27.93
C GLU C 136 14.67 15.63 26.43
N GLU C 137 14.12 14.59 25.82
CA GLU C 137 13.80 14.65 24.40
C GLU C 137 12.38 15.16 24.26
N ALA C 138 11.55 14.79 25.23
CA ALA C 138 10.13 15.15 25.30
C ALA C 138 9.92 16.55 25.85
N ALA C 139 10.96 17.05 26.53
CA ALA C 139 10.96 18.37 27.14
C ALA C 139 10.72 19.45 26.09
N HIS C 140 10.81 19.08 24.83
CA HIS C 140 10.59 20.03 23.78
C HIS C 140 9.19 20.13 23.26
N CYS C 141 8.31 19.27 23.75
CA CYS C 141 6.93 19.33 23.30
C CYS C 141 6.17 20.04 24.39
N ILE C 142 4.89 20.26 24.12
CA ILE C 142 4.01 20.90 25.08
C ILE C 142 3.99 19.90 26.25
N HIS C 143 4.54 20.29 27.40
CA HIS C 143 4.57 19.39 28.55
C HIS C 143 4.29 20.10 29.86
N ALA C 144 4.22 19.35 30.94
CA ALA C 144 3.95 19.92 32.25
C ALA C 144 4.50 19.00 33.30
N GLU C 145 5.32 19.55 34.18
CA GLU C 145 5.92 18.78 35.26
C GLU C 145 5.18 19.14 36.54
N TRP C 146 5.23 18.28 37.56
CA TRP C 146 4.52 18.54 38.82
C TRP C 146 4.86 17.54 39.93
N ASP C 147 4.92 17.99 41.19
CA ASP C 147 5.25 17.07 42.27
C ASP C 147 4.04 16.69 43.14
N THR C 148 4.23 15.76 44.07
CA THR C 148 3.13 15.36 44.96
C THR C 148 3.09 16.29 46.17
N GLY C 149 1.92 16.35 46.80
CA GLY C 149 1.75 17.20 47.97
C GLY C 149 0.36 16.97 48.55
N LEU C 150 -0.20 18.01 49.17
CA LEU C 150 -1.52 17.92 49.77
C LEU C 150 -2.55 17.51 48.71
N ASN C 151 -2.41 18.11 47.53
CA ASN C 151 -3.32 17.83 46.43
C ASN C 151 -3.01 16.57 45.67
N SER C 152 -3.87 15.59 45.84
CA SER C 152 -3.76 14.29 45.20
C SER C 152 -3.82 14.37 43.67
N LYS C 153 -4.80 15.10 43.16
CA LYS C 153 -5.05 15.22 41.72
C LYS C 153 -4.37 16.36 40.95
N PHE C 154 -4.16 16.13 39.66
CA PHE C 154 -3.56 17.09 38.74
C PHE C 154 -4.26 16.81 37.42
N THR C 155 -4.81 17.85 36.82
CA THR C 155 -5.49 17.67 35.55
C THR C 155 -4.65 18.32 34.49
N PHE C 156 -4.78 17.86 33.25
CA PHE C 156 -4.02 18.38 32.13
C PHE C 156 -4.79 18.17 30.82
N SER C 157 -4.85 19.22 30.00
CA SER C 157 -5.58 19.19 28.71
C SER C 157 -4.73 18.77 27.51
N ILE C 158 -5.28 17.89 26.68
CA ILE C 158 -4.60 17.42 25.48
C ILE C 158 -5.21 18.18 24.31
N PRO C 159 -4.44 19.12 23.75
CA PRO C 159 -4.77 20.01 22.65
C PRO C 159 -5.08 19.41 21.30
N TYR C 160 -6.14 19.90 20.67
CA TYR C 160 -6.45 19.43 19.36
C TYR C 160 -5.55 20.24 18.39
N ILE C 161 -4.50 19.63 17.86
CA ILE C 161 -3.59 20.29 16.92
C ILE C 161 -3.47 19.33 15.72
N SER C 162 -4.31 19.54 14.70
CA SER C 162 -4.34 18.69 13.52
C SER C 162 -4.41 19.54 12.25
N ALA C 163 -4.20 18.92 11.09
CA ALA C 163 -4.25 19.66 9.85
C ALA C 163 -5.68 20.10 9.54
N ALA C 164 -6.61 19.14 9.68
CA ALA C 164 -8.02 19.42 9.42
C ALA C 164 -8.70 19.91 10.67
N ASP C 165 -9.90 20.47 10.49
CA ASP C 165 -10.66 21.01 11.58
C ASP C 165 -11.31 19.92 12.41
N TYR C 166 -11.55 18.78 11.78
CA TYR C 166 -12.14 17.65 12.49
C TYR C 166 -11.25 16.45 12.23
N THR C 167 -11.45 15.41 13.04
CA THR C 167 -10.69 14.18 12.86
C THR C 167 -11.57 12.99 13.18
N TYR C 168 -11.12 11.79 12.79
CA TYR C 168 -11.91 10.61 13.02
C TYR C 168 -11.73 9.99 14.42
N THR C 169 -12.85 9.51 14.94
CA THR C 169 -12.88 8.84 16.23
C THR C 169 -12.32 7.46 15.88
N ALA C 170 -12.82 6.96 14.75
CA ALA C 170 -12.47 5.66 14.18
C ALA C 170 -10.99 5.58 13.78
N SER C 171 -10.47 4.38 13.61
CA SER C 171 -9.07 4.23 13.21
C SER C 171 -8.97 3.41 11.94
N HIS C 172 -8.33 3.96 10.91
CA HIS C 172 -8.20 3.25 9.65
C HIS C 172 -7.10 2.20 9.70
N GLU C 173 -7.27 1.17 8.90
CA GLU C 173 -6.35 0.05 8.78
C GLU C 173 -5.01 0.54 8.25
N ALA C 174 -5.08 1.41 7.26
CA ALA C 174 -3.89 1.98 6.62
C ALA C 174 -3.01 2.83 7.54
N GLU C 175 -3.56 3.25 8.69
CA GLU C 175 -2.79 4.08 9.63
C GLU C 175 -1.90 3.18 10.48
N THR C 176 -0.59 3.34 10.38
CA THR C 176 0.37 2.55 11.19
C THR C 176 0.49 3.26 12.54
N THR C 177 0.80 4.55 12.45
CA THR C 177 0.97 5.45 13.60
C THR C 177 -0.36 6.15 13.90
N CYS C 178 -0.60 6.50 15.17
CA CYS C 178 -1.83 7.19 15.59
C CYS C 178 -1.84 8.58 14.97
N VAL C 179 -2.72 8.77 13.98
CA VAL C 179 -2.83 10.04 13.27
C VAL C 179 -2.63 11.31 14.10
N GLN C 180 -3.01 11.26 15.38
CA GLN C 180 -2.91 12.43 16.24
C GLN C 180 -1.82 12.45 17.30
N GLY C 181 -0.71 11.75 17.07
CA GLY C 181 0.37 11.75 18.04
C GLY C 181 0.09 10.89 19.27
N TRP C 182 0.86 11.10 20.31
CA TRP C 182 0.70 10.35 21.54
C TRP C 182 0.93 11.29 22.69
N VAL C 183 0.69 10.75 23.87
CA VAL C 183 0.91 11.45 25.11
C VAL C 183 1.72 10.44 25.92
N CYS C 184 2.89 10.84 26.38
CA CYS C 184 3.72 9.95 27.19
C CYS C 184 3.80 10.60 28.55
N VAL C 185 3.77 9.78 29.58
CA VAL C 185 3.85 10.32 30.92
C VAL C 185 5.05 9.63 31.56
N TYR C 186 5.94 10.45 32.10
CA TYR C 186 7.15 9.96 32.72
C TYR C 186 7.06 10.11 34.21
N GLN C 187 8.19 9.86 34.84
CA GLN C 187 8.39 10.04 36.27
C GLN C 187 9.73 10.72 36.18
N ILE C 188 10.01 11.66 37.05
CA ILE C 188 11.29 12.32 36.96
C ILE C 188 12.17 11.68 38.03
N THR C 189 11.61 11.48 39.22
CA THR C 189 12.32 10.88 40.34
C THR C 189 11.28 10.56 41.37
N HIS C 190 11.72 10.06 42.52
CA HIS C 190 10.87 9.80 43.64
C HIS C 190 11.76 9.36 44.78
N GLY C 191 11.14 9.04 45.91
CA GLY C 191 11.89 8.58 47.05
C GLY C 191 10.83 7.88 47.87
N LYS C 192 11.09 6.63 48.26
CA LYS C 192 10.12 5.88 49.05
C LYS C 192 8.77 5.77 48.31
N ALA C 193 8.79 6.10 47.02
CA ALA C 193 7.58 6.08 46.23
C ALA C 193 7.36 4.87 45.35
N ASP C 194 8.36 3.99 45.31
CA ASP C 194 8.28 2.76 44.51
C ASP C 194 7.09 1.93 44.96
N ALA C 195 6.48 1.22 44.01
CA ALA C 195 5.32 0.39 44.26
C ALA C 195 4.03 1.18 44.13
N ASP C 196 4.05 2.42 44.62
CA ASP C 196 2.88 3.31 44.65
C ASP C 196 2.18 3.66 43.34
N ALA C 197 0.83 3.67 43.45
CA ALA C 197 -0.08 3.90 42.32
C ALA C 197 -0.48 5.32 41.97
N LEU C 198 -0.43 5.62 40.67
CA LEU C 198 -0.83 6.92 40.15
C LEU C 198 -2.00 6.72 39.18
N VAL C 199 -3.18 6.46 39.74
CA VAL C 199 -4.38 6.22 38.95
C VAL C 199 -4.80 7.35 38.01
N VAL C 200 -5.03 7.03 36.73
CA VAL C 200 -5.43 8.05 35.77
C VAL C 200 -6.78 7.85 35.06
N SER C 201 -7.47 8.97 34.92
CA SER C 201 -8.77 9.01 34.29
C SER C 201 -8.78 10.11 33.24
N ALA C 202 -9.81 10.10 32.41
CA ALA C 202 -9.95 11.11 31.36
C ALA C 202 -11.40 11.57 31.22
N SER C 203 -11.57 12.89 31.07
CA SER C 203 -12.87 13.50 30.90
C SER C 203 -12.81 14.36 29.63
N ALA C 204 -13.98 14.75 29.14
CA ALA C 204 -14.09 15.58 27.95
C ALA C 204 -13.75 17.02 28.34
N GLY C 205 -13.10 17.72 27.43
CA GLY C 205 -12.71 19.09 27.65
C GLY C 205 -13.86 20.02 27.33
N LYS C 206 -13.71 21.31 27.62
CA LYS C 206 -14.78 22.26 27.36
C LYS C 206 -15.20 22.40 25.89
N ASP C 207 -14.21 22.57 25.01
CA ASP C 207 -14.45 22.73 23.58
C ASP C 207 -14.47 21.42 22.80
N PHE C 208 -14.54 20.30 23.53
CA PHE C 208 -14.56 18.97 22.90
C PHE C 208 -15.90 18.73 22.26
N GLU C 209 -15.90 18.33 21.00
CA GLU C 209 -17.13 18.12 20.26
C GLU C 209 -17.20 16.78 19.51
N LEU C 210 -18.39 16.19 19.47
CA LEU C 210 -18.60 14.92 18.76
C LEU C 210 -19.64 15.17 17.69
N ARG C 211 -19.34 14.75 16.46
CA ARG C 211 -20.27 14.97 15.36
C ARG C 211 -20.37 13.87 14.34
N LEU C 212 -21.51 13.81 13.66
CA LEU C 212 -21.79 12.83 12.62
C LEU C 212 -22.05 11.44 13.19
N PRO C 213 -23.23 11.25 13.77
CA PRO C 213 -23.60 9.96 14.36
C PRO C 213 -23.63 8.82 13.33
N VAL C 214 -23.09 7.67 13.75
CA VAL C 214 -23.02 6.52 12.89
C VAL C 214 -23.27 5.26 13.71
N ASP C 215 -23.82 4.25 13.06
CA ASP C 215 -24.12 2.98 13.68
C ASP C 215 -23.36 1.86 12.95
N ALA C 216 -22.15 1.62 13.42
CA ALA C 216 -21.30 0.58 12.87
C ALA C 216 -21.06 -0.19 14.14
N ARG C 217 -21.39 -1.46 14.12
CA ARG C 217 -21.21 -2.33 15.27
C ARG C 217 -21.81 -3.62 14.77
N GLN C 218 -22.02 -4.59 15.66
CA GLN C 218 -22.63 -5.82 15.20
C GLN C 218 -24.05 -5.60 14.74
N GLN C 219 -25.06 -5.99 15.52
CA GLN C 219 -26.42 -5.72 15.06
C GLN C 219 -27.03 -4.36 15.52
N ASP D 1 -10.37 -10.67 2.92
CA ASP D 1 -9.22 -11.11 2.13
C ASP D 1 -9.83 -11.56 0.83
N ILE D 2 -9.20 -11.33 -0.35
CA ILE D 2 -9.83 -11.90 -1.57
C ILE D 2 -9.23 -13.31 -1.70
N VAL D 3 -9.97 -14.32 -2.05
CA VAL D 3 -9.41 -15.64 -2.19
C VAL D 3 -9.37 -16.10 -3.69
N LEU D 4 -8.26 -16.64 -4.22
CA LEU D 4 -8.22 -17.05 -5.61
C LEU D 4 -8.23 -18.56 -5.56
N THR D 5 -8.95 -19.10 -6.55
CA THR D 5 -9.20 -20.51 -6.71
C THR D 5 -8.84 -20.99 -8.10
N GLN D 6 -7.66 -21.59 -8.29
CA GLN D 6 -7.28 -22.05 -9.62
C GLN D 6 -7.86 -23.40 -10.01
N SER D 7 -8.28 -23.66 -11.25
CA SER D 7 -8.79 -24.95 -11.74
C SER D 7 -8.03 -25.23 -13.01
N PRO D 8 -7.69 -26.46 -13.49
CA PRO D 8 -7.49 -27.66 -12.68
C PRO D 8 -6.32 -27.49 -11.69
N ALA D 9 -5.98 -28.45 -10.80
CA ALA D 9 -4.70 -28.29 -10.06
C ALA D 9 -3.51 -29.05 -10.64
N SER D 10 -3.70 -29.87 -11.63
CA SER D 10 -2.67 -30.55 -12.36
C SER D 10 -3.40 -30.96 -13.63
N LEU D 11 -2.76 -30.78 -14.76
CA LEU D 11 -3.35 -31.17 -16.02
C LEU D 11 -2.18 -31.75 -16.77
N ALA D 12 -2.51 -32.71 -17.61
CA ALA D 12 -1.54 -33.43 -18.41
C ALA D 12 -1.94 -32.99 -19.76
N VAL D 13 -1.00 -32.67 -20.62
CA VAL D 13 -1.35 -32.19 -21.95
C VAL D 13 -0.29 -32.58 -22.93
N SER D 14 -0.79 -32.97 -24.08
CA SER D 14 0.06 -33.39 -25.16
C SER D 14 0.73 -32.16 -25.82
N LEU D 15 1.98 -32.28 -26.33
CA LEU D 15 2.74 -31.23 -27.01
C LEU D 15 2.04 -30.71 -28.25
N GLY D 16 2.28 -29.43 -28.46
CA GLY D 16 1.49 -28.70 -29.44
C GLY D 16 -0.03 -28.47 -29.12
N GLN D 17 -0.59 -28.92 -28.00
CA GLN D 17 -2.01 -28.78 -27.69
C GLN D 17 -2.30 -27.47 -27.01
N ARG D 18 -3.51 -27.27 -26.50
CA ARG D 18 -3.83 -26.04 -25.82
C ARG D 18 -4.13 -26.25 -24.32
N ALA D 19 -3.34 -25.67 -23.44
CA ALA D 19 -3.69 -25.73 -22.04
C ALA D 19 -4.27 -24.37 -21.57
N THR D 20 -5.47 -24.36 -21.02
CA THR D 20 -6.13 -23.23 -20.40
C THR D 20 -6.16 -23.40 -18.84
N ILE D 21 -6.07 -22.32 -18.04
CA ILE D 21 -5.97 -22.37 -16.57
C ILE D 21 -6.84 -21.26 -16.00
N SER D 22 -7.98 -21.49 -15.36
CA SER D 22 -8.86 -20.45 -14.84
C SER D 22 -8.43 -20.03 -13.43
N CYS D 23 -8.67 -18.83 -12.92
CA CYS D 23 -8.26 -18.41 -11.60
C CYS D 23 -9.41 -17.52 -11.11
N ARG D 24 -10.24 -17.95 -10.17
CA ARG D 24 -11.36 -17.16 -9.69
C ARG D 24 -11.07 -16.44 -8.37
N ALA D 25 -11.32 -15.11 -8.29
CA ALA D 25 -11.09 -14.30 -7.09
C ALA D 25 -12.48 -14.29 -6.47
N SER D 26 -12.53 -14.36 -5.14
CA SER D 26 -13.76 -14.39 -4.40
C SER D 26 -14.54 -13.07 -4.36
N GLU D 27 -14.05 -11.99 -4.90
CA GLU D 27 -14.61 -10.65 -4.82
C GLU D 27 -13.79 -9.92 -5.87
N SER D 28 -14.29 -8.87 -6.54
CA SER D 28 -13.56 -8.20 -7.65
C SER D 28 -12.10 -7.89 -7.34
N VAL D 29 -11.31 -8.13 -8.37
CA VAL D 29 -9.92 -7.77 -8.32
C VAL D 29 -9.71 -6.49 -9.18
N ASP D 30 -10.71 -5.89 -9.87
CA ASP D 30 -10.45 -4.66 -10.60
C ASP D 30 -10.58 -3.45 -9.72
N SER D 31 -9.64 -2.54 -9.90
CA SER D 31 -9.68 -1.27 -9.24
C SER D 31 -9.37 -0.44 -10.42
N SER D 32 -10.00 0.72 -10.27
CA SER D 32 -9.91 1.79 -11.23
C SER D 32 -10.25 1.17 -12.59
N GLY D 33 -9.54 1.39 -13.69
CA GLY D 33 -9.91 0.64 -14.90
C GLY D 33 -8.85 -0.39 -15.10
N HIS D 34 -8.54 -1.16 -14.06
CA HIS D 34 -7.44 -2.10 -14.11
C HIS D 34 -7.75 -3.36 -13.32
N SER D 35 -7.56 -4.52 -13.93
CA SER D 35 -7.64 -5.76 -13.23
C SER D 35 -6.28 -5.88 -12.58
N PHE D 36 -6.07 -6.14 -11.29
CA PHE D 36 -4.75 -6.33 -10.72
C PHE D 36 -4.55 -7.79 -10.29
N MET D 37 -4.49 -8.58 -11.37
CA MET D 37 -4.29 -10.03 -11.56
C MET D 37 -2.95 -10.26 -12.35
N HIS D 38 -2.14 -11.21 -11.88
CA HIS D 38 -0.79 -11.47 -12.35
C HIS D 38 -0.66 -12.99 -12.44
N TRP D 39 0.13 -13.45 -13.42
CA TRP D 39 0.28 -14.86 -13.66
C TRP D 39 1.75 -15.13 -13.64
N TYR D 40 2.21 -16.23 -13.02
CA TYR D 40 3.61 -16.61 -12.86
C TYR D 40 3.86 -18.06 -13.29
N GLN D 41 5.10 -18.34 -13.58
CA GLN D 41 5.49 -19.67 -13.96
C GLN D 41 6.53 -20.15 -12.95
N GLN D 42 6.37 -21.30 -12.28
CA GLN D 42 7.47 -21.71 -11.42
C GLN D 42 8.07 -23.04 -11.84
N LYS D 43 9.28 -22.94 -12.41
CA LYS D 43 9.99 -24.16 -12.74
C LYS D 43 10.68 -24.63 -11.47
N PRO D 44 10.75 -25.90 -11.11
CA PRO D 44 11.54 -26.38 -9.98
C PRO D 44 12.86 -25.67 -9.82
N GLY D 45 12.97 -25.09 -8.62
CA GLY D 45 14.23 -24.44 -8.28
C GLY D 45 14.42 -23.04 -8.86
N GLN D 46 13.49 -22.58 -9.67
CA GLN D 46 13.55 -21.21 -10.08
C GLN D 46 12.68 -20.53 -9.08
N PRO D 47 13.08 -19.30 -8.71
CA PRO D 47 12.17 -18.24 -8.36
C PRO D 47 10.98 -18.25 -9.34
N PRO D 48 9.79 -17.84 -8.99
CA PRO D 48 8.75 -17.63 -9.95
C PRO D 48 9.13 -16.63 -11.03
N LYS D 49 8.43 -16.67 -12.14
CA LYS D 49 8.78 -15.85 -13.26
C LYS D 49 7.52 -15.14 -13.57
N LEU D 50 7.57 -13.80 -13.58
CA LEU D 50 6.38 -13.10 -14.02
C LEU D 50 6.20 -13.44 -15.52
N LEU D 51 4.95 -13.68 -15.90
CA LEU D 51 4.55 -13.97 -17.25
C LEU D 51 3.57 -12.88 -17.68
N ILE D 52 2.33 -12.91 -17.16
CA ILE D 52 1.35 -11.92 -17.54
C ILE D 52 1.16 -10.94 -16.40
N TYR D 53 0.86 -9.66 -16.65
CA TYR D 53 0.74 -8.77 -15.56
C TYR D 53 -0.40 -7.80 -15.44
N ARG D 54 -1.49 -7.69 -16.19
CA ARG D 54 -2.65 -7.06 -15.55
C ARG D 54 -3.61 -7.86 -16.32
N ALA D 55 -3.71 -9.12 -16.06
CA ALA D 55 -4.62 -10.01 -16.72
C ALA D 55 -4.37 -10.25 -18.16
N SER D 56 -3.96 -9.32 -19.00
CA SER D 56 -3.67 -9.59 -20.41
C SER D 56 -2.27 -9.32 -21.01
N ASN D 57 -1.58 -8.33 -20.45
CA ASN D 57 -0.30 -7.93 -21.03
C ASN D 57 0.94 -8.66 -20.53
N LEU D 58 1.75 -9.14 -21.47
CA LEU D 58 2.94 -9.99 -21.27
C LEU D 58 4.12 -9.17 -20.87
N GLU D 59 4.95 -9.88 -20.19
CA GLU D 59 6.15 -9.30 -19.72
C GLU D 59 7.24 -9.49 -20.69
N SER D 60 8.14 -8.54 -20.64
CA SER D 60 9.44 -8.45 -21.31
C SER D 60 9.63 -8.98 -22.71
N GLY D 61 9.53 -10.29 -22.76
CA GLY D 61 9.75 -11.13 -23.89
C GLY D 61 9.76 -12.46 -23.14
N ILE D 62 8.52 -12.96 -23.11
CA ILE D 62 8.19 -14.35 -22.79
C ILE D 62 7.29 -14.56 -24.02
N PRO D 63 7.17 -15.80 -24.54
CA PRO D 63 6.74 -16.14 -25.90
C PRO D 63 5.35 -15.70 -26.11
N ASP D 64 4.90 -15.22 -27.26
CA ASP D 64 3.48 -14.87 -27.42
C ASP D 64 2.49 -16.07 -27.44
N ARG D 65 2.97 -17.30 -27.17
CA ARG D 65 2.12 -18.48 -27.12
C ARG D 65 1.18 -18.42 -25.93
N PHE D 66 1.71 -17.53 -25.04
CA PHE D 66 1.13 -17.09 -23.81
C PHE D 66 0.22 -15.89 -23.84
N SER D 67 -1.03 -16.04 -23.38
CA SER D 67 -1.95 -14.96 -23.28
C SER D 67 -2.87 -15.11 -22.05
N GLY D 68 -3.48 -13.96 -21.61
CA GLY D 68 -4.44 -13.86 -20.54
C GLY D 68 -5.60 -12.89 -20.84
N SER D 69 -6.74 -13.18 -20.25
CA SER D 69 -7.93 -12.37 -20.34
C SER D 69 -8.67 -12.52 -19.02
N GLY D 70 -9.54 -11.57 -18.74
CA GLY D 70 -10.37 -11.71 -17.60
C GLY D 70 -10.58 -10.38 -16.99
N SER D 71 -11.82 -10.22 -16.50
CA SER D 71 -12.27 -9.02 -15.81
C SER D 71 -12.88 -9.48 -14.48
N ARG D 72 -12.84 -8.57 -13.50
CA ARG D 72 -13.38 -8.85 -12.21
C ARG D 72 -12.77 -10.02 -11.45
N THR D 73 -13.37 -11.21 -11.71
CA THR D 73 -13.26 -12.46 -10.96
C THR D 73 -12.82 -13.61 -11.81
N ASP D 74 -13.20 -13.61 -13.07
CA ASP D 74 -12.88 -14.76 -13.90
C ASP D 74 -11.73 -14.48 -14.87
N PHE D 75 -10.58 -15.14 -14.70
CA PHE D 75 -9.32 -14.92 -15.40
C PHE D 75 -8.87 -16.25 -15.90
N THR D 76 -8.06 -16.41 -16.96
CA THR D 76 -7.62 -17.67 -17.62
C THR D 76 -6.19 -17.52 -18.18
N LEU D 77 -5.26 -18.44 -18.03
CA LEU D 77 -4.05 -18.40 -18.85
C LEU D 77 -4.41 -19.38 -20.00
N THR D 78 -3.87 -19.11 -21.20
CA THR D 78 -4.03 -19.95 -22.37
C THR D 78 -2.63 -20.17 -22.82
N ILE D 79 -2.11 -21.38 -23.05
CA ILE D 79 -0.77 -21.63 -23.61
C ILE D 79 -1.28 -22.37 -24.83
N ASP D 80 -0.96 -21.92 -26.05
CA ASP D 80 -1.43 -22.58 -27.28
C ASP D 80 -0.50 -22.40 -28.46
N PRO D 81 0.56 -23.17 -28.70
CA PRO D 81 0.65 -24.56 -28.38
C PRO D 81 1.61 -24.88 -27.26
N VAL D 82 1.31 -25.87 -26.44
CA VAL D 82 2.18 -26.33 -25.35
C VAL D 82 3.50 -26.92 -25.91
N GLU D 83 4.66 -26.46 -25.52
CA GLU D 83 5.91 -27.09 -25.86
C GLU D 83 6.45 -27.75 -24.60
N ALA D 84 7.48 -28.56 -24.68
CA ALA D 84 7.97 -29.20 -23.47
C ALA D 84 8.65 -28.23 -22.51
N ASP D 85 9.00 -27.02 -22.97
CA ASP D 85 9.66 -25.98 -22.17
C ASP D 85 8.69 -25.17 -21.26
N ASP D 86 7.55 -25.81 -21.00
CA ASP D 86 6.45 -25.25 -20.26
C ASP D 86 5.97 -26.07 -19.08
N VAL D 87 6.60 -27.18 -18.81
CA VAL D 87 6.17 -28.00 -17.72
C VAL D 87 6.53 -27.17 -16.54
N ALA D 88 5.59 -27.03 -15.58
CA ALA D 88 5.81 -26.18 -14.41
C ALA D 88 4.52 -26.03 -13.61
N THR D 89 4.56 -25.37 -12.48
CA THR D 89 3.38 -24.98 -11.74
C THR D 89 3.12 -23.46 -11.97
N TYR D 90 1.87 -23.17 -12.36
CA TYR D 90 1.48 -21.84 -12.75
C TYR D 90 0.67 -21.24 -11.65
N TYR D 91 0.81 -19.94 -11.34
CA TYR D 91 0.12 -19.28 -10.26
C TYR D 91 -0.56 -18.00 -10.72
N CYS D 92 -1.75 -17.64 -10.23
CA CYS D 92 -2.24 -16.28 -10.45
C CYS D 92 -2.14 -15.58 -9.08
N GLN D 93 -2.10 -14.28 -8.99
CA GLN D 93 -1.88 -13.55 -7.78
C GLN D 93 -2.50 -12.16 -7.92
N GLN D 94 -3.12 -11.61 -6.88
CA GLN D 94 -3.68 -10.28 -7.02
C GLN D 94 -2.99 -9.22 -6.17
N SER D 95 -3.02 -8.01 -6.73
CA SER D 95 -2.36 -6.87 -6.15
C SER D 95 -3.26 -5.70 -5.90
N ASN D 96 -4.53 -5.91 -6.13
CA ASN D 96 -5.61 -4.98 -5.83
C ASN D 96 -5.83 -5.32 -4.40
N GLU D 97 -5.80 -4.48 -3.39
CA GLU D 97 -6.05 -4.90 -1.97
C GLU D 97 -5.07 -5.75 -1.13
N VAL D 98 -4.57 -5.13 -0.04
CA VAL D 98 -3.71 -5.88 0.87
C VAL D 98 -4.60 -6.89 1.63
N PRO D 99 -4.40 -8.21 1.59
CA PRO D 99 -3.12 -8.83 1.77
C PRO D 99 -2.44 -9.46 0.56
N LEU D 100 -2.69 -9.16 -0.72
CA LEU D 100 -1.91 -9.73 -1.85
C LEU D 100 -1.92 -11.25 -1.82
N THR D 101 -3.09 -11.72 -2.13
CA THR D 101 -3.33 -13.13 -2.13
C THR D 101 -2.74 -13.78 -3.36
N PHE D 102 -2.64 -15.10 -3.33
CA PHE D 102 -1.97 -15.92 -4.35
C PHE D 102 -2.83 -17.17 -4.53
N GLY D 103 -2.99 -17.61 -5.78
CA GLY D 103 -3.75 -18.79 -6.07
C GLY D 103 -2.95 -20.03 -5.73
N ALA D 104 -3.58 -21.19 -5.84
CA ALA D 104 -2.92 -22.43 -5.43
C ALA D 104 -1.82 -23.03 -6.29
N GLY D 105 -1.72 -22.54 -7.54
CA GLY D 105 -0.85 -23.07 -8.55
C GLY D 105 -1.56 -24.08 -9.39
N THR D 106 -1.12 -24.49 -10.60
CA THR D 106 -1.64 -25.70 -11.23
C THR D 106 -0.36 -26.39 -11.81
N LYS D 107 0.00 -27.63 -11.45
CA LYS D 107 1.19 -28.29 -11.98
C LYS D 107 0.83 -28.85 -13.33
N LEU D 108 1.43 -28.38 -14.42
CA LEU D 108 1.12 -28.80 -15.77
C LEU D 108 2.17 -29.84 -15.97
N ASP D 109 1.79 -30.97 -16.58
CA ASP D 109 2.67 -32.08 -16.83
C ASP D 109 2.29 -32.60 -18.20
N LEU D 110 3.19 -33.39 -18.77
CA LEU D 110 3.05 -33.86 -20.12
C LEU D 110 2.59 -35.25 -20.41
N LYS D 111 1.49 -35.27 -21.12
CA LYS D 111 0.81 -36.47 -21.45
C LYS D 111 1.77 -36.96 -22.47
N ARG D 112 2.29 -38.15 -22.14
CA ARG D 112 3.16 -38.91 -22.99
C ARG D 112 2.56 -40.31 -23.13
N ALA D 113 2.79 -39.93 -23.95
CA ALA D 113 2.15 -41.24 -24.03
C ALA D 113 2.33 -42.09 -22.77
N ASP D 114 1.47 -43.09 -22.43
CA ASP D 114 1.54 -43.91 -21.20
C ASP D 114 2.83 -44.71 -21.22
N ALA D 115 3.43 -44.86 -20.03
CA ALA D 115 4.70 -45.57 -19.84
C ALA D 115 4.54 -46.22 -18.46
N ALA D 116 4.77 -47.52 -18.37
CA ALA D 116 4.61 -48.23 -17.11
C ALA D 116 5.89 -48.26 -16.26
N PRO D 117 5.80 -48.39 -14.93
CA PRO D 117 6.96 -48.20 -14.07
C PRO D 117 8.01 -49.31 -14.06
N THR D 118 9.29 -49.00 -14.00
CA THR D 118 10.31 -49.99 -13.75
C THR D 118 10.33 -50.13 -12.21
N VAL D 119 10.33 -51.33 -11.61
CA VAL D 119 10.11 -51.56 -10.18
C VAL D 119 11.34 -52.15 -9.52
N SER D 120 12.08 -51.58 -8.55
CA SER D 120 13.28 -52.19 -7.95
C SER D 120 12.97 -52.41 -6.48
N ILE D 121 13.26 -53.52 -5.78
CA ILE D 121 13.11 -53.51 -4.34
C ILE D 121 14.52 -53.71 -3.79
N PHE D 122 14.81 -53.02 -2.70
CA PHE D 122 16.09 -53.08 -2.01
C PHE D 122 15.82 -53.53 -0.61
N PRO D 123 16.61 -54.47 -0.06
CA PRO D 123 16.68 -54.78 1.35
C PRO D 123 17.16 -53.58 2.20
N PRO D 124 17.23 -53.68 3.53
CA PRO D 124 18.04 -52.77 4.30
C PRO D 124 19.52 -53.13 4.16
N SER D 125 20.43 -52.19 4.26
CA SER D 125 21.85 -52.51 4.25
C SER D 125 22.18 -53.15 5.58
N SER D 126 23.20 -53.97 5.58
CA SER D 126 23.60 -54.65 6.80
C SER D 126 23.92 -53.65 7.91
N GLU D 127 24.48 -52.52 7.53
CA GLU D 127 24.74 -51.52 8.53
C GLU D 127 23.52 -50.76 9.04
N GLN D 128 22.43 -50.50 8.27
CA GLN D 128 21.24 -49.84 8.81
C GLN D 128 20.72 -50.76 9.94
N LEU D 129 20.71 -52.09 9.67
CA LEU D 129 20.36 -53.11 10.63
C LEU D 129 21.23 -53.04 11.84
N THR D 130 22.54 -53.02 11.64
CA THR D 130 23.46 -52.89 12.74
C THR D 130 23.05 -51.74 13.66
N SER D 131 22.66 -50.60 13.13
CA SER D 131 22.24 -49.48 13.98
C SER D 131 20.83 -49.74 14.57
N GLY D 132 20.29 -50.96 14.55
CA GLY D 132 18.96 -51.26 15.08
C GLY D 132 17.78 -51.04 14.13
N GLY D 133 17.91 -50.62 12.84
CA GLY D 133 16.75 -50.42 11.95
C GLY D 133 16.77 -51.11 10.55
N ALA D 134 15.72 -50.96 9.77
CA ALA D 134 15.67 -51.56 8.49
C ALA D 134 14.72 -50.74 7.65
N SER D 135 15.12 -50.31 6.48
CA SER D 135 14.18 -49.72 5.57
C SER D 135 14.24 -50.70 4.40
N VAL D 136 13.09 -50.94 3.83
CA VAL D 136 13.02 -51.79 2.68
C VAL D 136 12.58 -50.71 1.73
N VAL D 137 13.29 -50.33 0.64
CA VAL D 137 12.89 -49.24 -0.27
C VAL D 137 12.54 -49.83 -1.58
N CYS D 138 11.47 -49.40 -2.19
CA CYS D 138 11.14 -49.84 -3.49
C CYS D 138 11.36 -48.64 -4.44
N PHE D 139 11.60 -48.77 -5.76
CA PHE D 139 11.75 -47.65 -6.71
C PHE D 139 10.75 -48.05 -7.73
N LEU D 140 10.01 -47.05 -8.21
CA LEU D 140 9.01 -47.24 -9.25
C LEU D 140 9.39 -46.09 -10.15
N ASN D 141 10.08 -46.33 -11.24
CA ASN D 141 10.66 -45.26 -12.03
C ASN D 141 10.02 -45.11 -13.38
N ASN D 142 10.06 -43.86 -13.89
CA ASN D 142 9.72 -43.47 -15.23
C ASN D 142 8.42 -43.93 -15.75
N PHE D 143 7.27 -43.35 -15.36
CA PHE D 143 5.96 -43.84 -15.75
C PHE D 143 5.03 -42.65 -16.09
N TYR D 144 3.87 -42.86 -16.64
CA TYR D 144 2.98 -41.79 -16.98
C TYR D 144 1.65 -42.49 -17.15
N PRO D 145 0.44 -42.16 -16.62
CA PRO D 145 0.11 -40.99 -15.79
C PRO D 145 0.60 -41.20 -14.33
N LYS D 146 0.76 -40.05 -13.67
CA LYS D 146 1.37 -40.04 -12.37
C LYS D 146 0.48 -40.79 -11.42
N ASP D 147 -0.80 -41.10 -11.64
CA ASP D 147 -1.52 -41.85 -10.62
C ASP D 147 -1.14 -43.32 -10.73
N ILE D 148 -0.36 -43.68 -9.71
CA ILE D 148 0.02 -45.04 -9.44
C ILE D 148 -0.41 -45.35 -7.98
N ASN D 149 -0.52 -46.65 -7.55
CA ASN D 149 -0.79 -47.10 -6.17
C ASN D 149 0.17 -48.24 -5.77
N VAL D 150 1.13 -48.00 -4.86
CA VAL D 150 2.03 -49.07 -4.39
C VAL D 150 1.52 -49.66 -3.04
N LYS D 151 1.89 -50.91 -2.69
CA LYS D 151 1.35 -51.63 -1.54
C LYS D 151 2.47 -52.36 -0.92
N TRP D 152 2.33 -52.50 0.40
CA TRP D 152 3.27 -53.38 1.06
C TRP D 152 2.58 -54.59 1.67
N LYS D 153 3.40 -55.61 1.55
CA LYS D 153 3.17 -56.97 1.97
C LYS D 153 4.44 -57.31 2.68
N ILE D 154 4.23 -58.24 3.62
CA ILE D 154 5.24 -58.87 4.47
C ILE D 154 4.57 -60.15 4.95
N ASP D 155 5.09 -61.19 4.34
CA ASP D 155 4.63 -62.56 4.50
C ASP D 155 3.18 -62.73 4.04
N GLY D 156 2.82 -61.92 3.04
CA GLY D 156 1.47 -61.99 2.48
C GLY D 156 0.61 -60.99 3.17
N SER D 157 0.84 -60.73 4.44
CA SER D 157 0.04 -59.80 5.21
C SER D 157 0.41 -58.44 4.68
N GLU D 158 -0.68 -57.71 4.42
CA GLU D 158 -0.57 -56.32 4.01
C GLU D 158 0.11 -55.40 5.08
N ARG D 159 0.57 -54.22 4.64
CA ARG D 159 1.24 -53.29 5.54
C ARG D 159 0.98 -51.84 5.15
N GLN D 160 0.62 -51.07 6.20
CA GLN D 160 0.18 -49.70 6.06
C GLN D 160 1.06 -48.76 6.81
N ASN D 161 1.51 -49.14 7.97
CA ASN D 161 2.25 -48.19 8.77
C ASN D 161 3.74 -48.25 8.47
N GLY D 162 4.16 -47.02 8.21
CA GLY D 162 5.57 -46.64 8.08
C GLY D 162 6.10 -46.55 6.67
N VAL D 163 5.18 -46.22 5.79
CA VAL D 163 5.41 -46.16 4.37
C VAL D 163 5.39 -44.65 4.08
N LEU D 164 6.59 -44.30 3.66
CA LEU D 164 6.95 -42.95 3.24
C LEU D 164 7.23 -42.96 1.74
N ASN D 165 6.51 -42.12 1.01
CA ASN D 165 6.47 -42.09 -0.44
C ASN D 165 6.88 -40.74 -0.87
N SER D 166 7.44 -40.59 -2.06
CA SER D 166 7.88 -39.29 -2.63
C SER D 166 8.03 -39.53 -4.12
N TRP D 167 7.67 -38.48 -4.90
CA TRP D 167 7.54 -38.53 -6.35
C TRP D 167 8.42 -37.46 -6.93
N THR D 168 9.10 -37.80 -8.02
CA THR D 168 9.82 -36.81 -8.78
C THR D 168 8.79 -36.10 -9.64
N ASP D 169 8.94 -34.78 -9.77
CA ASP D 169 8.11 -33.97 -10.61
C ASP D 169 8.27 -34.42 -12.05
N GLN D 170 7.52 -33.94 -13.05
CA GLN D 170 7.71 -34.37 -14.40
C GLN D 170 9.13 -34.06 -14.84
N ASP D 171 9.66 -35.06 -15.56
CA ASP D 171 11.03 -35.03 -16.03
C ASP D 171 11.08 -34.35 -17.38
N SER D 172 11.98 -33.40 -17.43
CA SER D 172 12.23 -32.78 -18.69
C SER D 172 13.32 -33.53 -19.43
N LYS D 173 12.68 -34.32 -20.30
CA LYS D 173 13.32 -35.14 -21.31
C LYS D 173 12.21 -36.03 -21.72
N ASP D 174 11.71 -36.79 -20.74
CA ASP D 174 10.81 -37.79 -21.21
C ASP D 174 9.51 -37.87 -20.53
N SER D 175 9.13 -36.71 -20.03
CA SER D 175 7.90 -36.48 -19.32
C SER D 175 7.23 -37.58 -18.47
N THR D 176 8.14 -38.31 -17.82
CA THR D 176 7.74 -39.37 -16.97
C THR D 176 7.94 -38.84 -15.54
N TYR D 177 7.30 -39.55 -14.63
CA TYR D 177 7.44 -39.34 -13.21
C TYR D 177 8.14 -40.58 -12.65
N SER D 178 8.65 -40.55 -11.44
CA SER D 178 9.24 -41.69 -10.79
C SER D 178 8.79 -41.53 -9.35
N MET D 179 9.19 -42.40 -8.40
CA MET D 179 8.89 -42.22 -6.99
C MET D 179 9.56 -43.29 -6.12
N SER D 180 9.81 -43.08 -4.83
CA SER D 180 10.19 -44.19 -3.95
C SER D 180 9.14 -44.47 -2.88
N SER D 181 9.24 -45.68 -2.39
CA SER D 181 8.35 -46.25 -1.43
C SER D 181 9.29 -46.83 -0.37
N THR D 182 9.13 -46.46 0.90
CA THR D 182 9.98 -47.00 1.93
C THR D 182 9.15 -47.49 3.12
N LEU D 183 9.29 -48.77 3.46
CA LEU D 183 8.72 -49.37 4.65
C LEU D 183 9.88 -49.27 5.62
N THR D 184 9.74 -48.73 6.84
CA THR D 184 10.85 -48.71 7.80
C THR D 184 10.30 -49.54 8.92
N LEU D 185 11.12 -50.46 9.38
CA LEU D 185 10.77 -51.39 10.45
C LEU D 185 11.91 -51.28 11.40
N THR D 186 11.73 -51.92 12.52
CA THR D 186 12.81 -51.94 13.48
C THR D 186 13.63 -53.17 13.09
N LYS D 187 14.89 -53.30 13.50
CA LYS D 187 15.62 -54.51 13.15
C LYS D 187 14.93 -55.75 13.71
N ASP D 188 14.37 -55.73 14.92
CA ASP D 188 13.84 -56.98 15.44
C ASP D 188 12.57 -57.52 14.78
N GLU D 189 11.59 -56.69 14.42
CA GLU D 189 10.40 -57.20 13.77
C GLU D 189 10.61 -57.44 12.27
N TYR D 190 11.61 -56.75 11.71
CA TYR D 190 12.08 -57.01 10.35
C TYR D 190 12.61 -58.44 10.33
N GLU D 191 13.45 -58.90 11.25
CA GLU D 191 13.92 -60.27 11.22
C GLU D 191 12.83 -61.29 11.59
N ARG D 192 11.72 -60.76 12.10
CA ARG D 192 10.61 -61.60 12.43
C ARG D 192 9.86 -62.04 11.18
N HIS D 193 10.33 -61.94 9.94
CA HIS D 193 9.51 -62.23 8.74
C HIS D 193 10.34 -62.58 7.54
N ASN D 194 9.74 -63.22 6.52
CA ASN D 194 10.51 -63.67 5.34
C ASN D 194 10.40 -63.02 3.94
N SER D 195 9.21 -62.80 3.37
CA SER D 195 9.18 -62.14 2.09
C SER D 195 8.54 -60.80 2.14
N TYR D 196 9.21 -59.85 1.49
CA TYR D 196 8.72 -58.47 1.40
C TYR D 196 8.49 -58.09 -0.07
N THR D 197 7.39 -57.39 -0.26
CA THR D 197 6.76 -57.15 -1.53
C THR D 197 6.19 -55.74 -1.60
N CYS D 198 6.70 -55.13 -2.68
CA CYS D 198 6.33 -53.81 -3.18
C CYS D 198 5.42 -54.25 -4.27
N GLU D 199 4.16 -53.91 -4.15
CA GLU D 199 3.16 -54.31 -5.15
C GLU D 199 2.58 -53.04 -5.71
N ALA D 200 2.85 -52.70 -6.96
CA ALA D 200 2.45 -51.40 -7.47
C ALA D 200 1.46 -51.62 -8.58
N THR D 201 0.46 -50.81 -8.66
CA THR D 201 -0.62 -50.98 -9.60
C THR D 201 -0.74 -49.58 -10.27
N HIS D 202 -0.86 -49.50 -11.58
CA HIS D 202 -0.81 -48.24 -12.32
C HIS D 202 -1.66 -48.56 -13.53
N LYS D 203 -2.30 -47.57 -14.14
CA LYS D 203 -3.10 -47.89 -15.31
C LYS D 203 -2.54 -48.62 -16.52
N THR D 204 -1.24 -48.89 -16.70
CA THR D 204 -0.86 -49.63 -17.89
C THR D 204 -1.01 -51.15 -17.73
N SER D 205 -1.67 -51.69 -16.68
CA SER D 205 -1.73 -53.13 -16.45
C SER D 205 -2.98 -53.63 -15.77
N THR D 206 -3.14 -54.94 -16.04
CA THR D 206 -4.19 -55.79 -15.49
C THR D 206 -3.68 -56.50 -14.26
N SER D 207 -2.38 -56.71 -14.28
CA SER D 207 -1.65 -57.28 -13.18
C SER D 207 -1.19 -56.11 -12.30
N PRO D 208 -1.07 -56.23 -11.00
CA PRO D 208 -0.19 -55.40 -10.22
C PRO D 208 1.23 -55.67 -10.65
N ILE D 209 2.14 -54.71 -10.85
CA ILE D 209 3.53 -55.09 -11.08
C ILE D 209 4.10 -55.41 -9.68
N VAL D 210 4.51 -56.65 -9.39
CA VAL D 210 5.03 -56.95 -8.05
C VAL D 210 6.52 -57.33 -8.12
N LYS D 211 7.18 -56.96 -7.05
CA LYS D 211 8.61 -57.16 -6.90
C LYS D 211 8.71 -57.63 -5.47
N SER D 212 9.64 -58.55 -5.16
CA SER D 212 9.81 -59.15 -3.85
C SER D 212 11.15 -59.80 -3.61
N PHE D 213 11.70 -59.71 -2.43
CA PHE D 213 12.88 -60.43 -2.13
C PHE D 213 12.41 -61.42 -1.10
N ASN D 214 13.31 -62.21 -0.49
CA ASN D 214 12.94 -63.28 0.44
C ASN D 214 14.20 -63.41 1.26
N ARG D 215 14.22 -62.97 2.53
CA ARG D 215 15.43 -63.02 3.33
C ARG D 215 16.18 -64.39 3.38
N ASN D 216 15.56 -65.56 3.08
CA ASN D 216 16.24 -66.87 2.93
C ASN D 216 17.14 -66.92 1.69
N GLU D 217 16.94 -66.02 0.72
CA GLU D 217 17.66 -65.98 -0.52
C GLU D 217 18.53 -64.72 -0.67
N GLU E 1 22.44 -7.39 -13.38
CA GLU E 1 21.96 -6.17 -14.00
C GLU E 1 21.07 -5.73 -12.85
N VAL E 2 19.73 -5.71 -12.88
CA VAL E 2 18.98 -5.62 -11.62
C VAL E 2 19.46 -6.83 -10.78
N MET E 3 19.65 -6.74 -9.45
CA MET E 3 20.17 -7.90 -8.70
C MET E 3 19.85 -8.03 -7.21
N LEU E 4 19.11 -9.04 -6.85
CA LEU E 4 18.64 -9.15 -5.48
C LEU E 4 19.18 -10.37 -4.75
N VAL E 5 20.38 -10.39 -4.19
CA VAL E 5 20.83 -11.58 -3.48
C VAL E 5 20.60 -11.55 -1.95
N GLU E 6 19.70 -12.41 -1.49
CA GLU E 6 19.38 -12.45 -0.07
C GLU E 6 20.28 -13.40 0.67
N SER E 7 20.46 -13.16 1.96
CA SER E 7 21.45 -13.81 2.82
C SER E 7 20.90 -13.89 4.26
N GLY E 8 21.30 -14.84 5.10
CA GLY E 8 20.78 -14.85 6.46
C GLY E 8 19.97 -16.07 6.85
N GLY E 9 19.69 -17.01 5.94
CA GLY E 9 18.89 -18.22 6.24
C GLY E 9 19.50 -19.01 7.37
N GLY E 10 18.88 -20.11 7.80
CA GLY E 10 19.45 -20.90 8.90
C GLY E 10 18.50 -21.91 9.53
N LEU E 11 19.00 -22.67 10.54
CA LEU E 11 18.17 -23.56 11.34
C LEU E 11 17.94 -22.78 12.62
N VAL E 12 16.72 -22.65 13.11
CA VAL E 12 16.41 -21.91 14.30
C VAL E 12 15.37 -22.68 15.12
N LYS E 13 15.53 -22.54 16.45
CA LYS E 13 14.63 -23.23 17.39
C LYS E 13 13.39 -22.38 17.54
N PRO E 14 12.31 -22.98 17.96
CA PRO E 14 11.09 -22.23 18.04
C PRO E 14 11.19 -21.11 19.04
N GLY E 15 10.59 -19.99 18.61
CA GLY E 15 10.50 -18.78 19.42
C GLY E 15 11.64 -17.86 19.15
N GLY E 16 12.64 -18.45 18.47
CA GLY E 16 13.87 -17.78 18.10
C GLY E 16 13.75 -16.70 17.03
N SER E 17 14.94 -16.22 16.62
CA SER E 17 15.13 -15.07 15.76
C SER E 17 16.36 -15.17 14.86
N LEU E 18 16.17 -14.55 13.69
CA LEU E 18 17.05 -14.37 12.54
C LEU E 18 16.67 -12.99 11.94
N LYS E 19 17.61 -12.45 11.16
CA LYS E 19 17.39 -11.24 10.40
C LYS E 19 17.96 -11.56 8.98
N LEU E 20 17.15 -11.49 7.93
CA LEU E 20 17.66 -11.68 6.58
C LEU E 20 18.08 -10.35 5.95
N SER E 21 18.91 -10.36 4.91
CA SER E 21 19.23 -9.13 4.11
C SER E 21 19.00 -9.48 2.64
N CYS E 22 18.52 -8.51 1.89
CA CYS E 22 18.40 -8.54 0.46
C CYS E 22 19.40 -7.48 0.03
N THR E 23 20.57 -7.87 -0.45
CA THR E 23 21.56 -6.95 -0.95
C THR E 23 21.30 -6.71 -2.43
N ALA E 24 21.27 -5.44 -2.82
CA ALA E 24 20.81 -5.07 -4.13
C ALA E 24 21.89 -4.50 -5.04
N SER E 25 21.70 -4.68 -6.34
CA SER E 25 22.62 -4.15 -7.34
C SER E 25 21.84 -3.83 -8.64
N GLY E 26 22.37 -3.03 -9.58
CA GLY E 26 21.87 -2.81 -10.91
C GLY E 26 20.52 -2.16 -11.15
N PHE E 27 20.20 -1.18 -10.31
CA PHE E 27 19.00 -0.32 -10.47
C PHE E 27 19.11 0.76 -9.37
N ILE E 28 18.29 1.85 -9.41
CA ILE E 28 18.32 2.78 -8.30
C ILE E 28 17.40 2.23 -7.24
N PHE E 29 17.96 1.53 -6.23
CA PHE E 29 17.20 0.95 -5.09
C PHE E 29 16.42 2.02 -4.33
N ASN E 30 17.13 3.10 -3.87
CA ASN E 30 16.55 4.14 -3.04
C ASN E 30 15.33 4.73 -3.65
N ARG E 31 15.08 4.57 -4.97
CA ARG E 31 13.80 5.05 -5.42
C ARG E 31 12.82 3.95 -5.92
N CYS E 32 12.79 2.74 -5.29
CA CYS E 32 11.79 1.71 -5.61
C CYS E 32 11.17 1.04 -4.37
N ALA E 33 9.87 0.69 -4.35
CA ALA E 33 9.27 -0.04 -3.24
C ALA E 33 9.70 -1.49 -3.21
N MET E 34 9.93 -2.13 -2.06
CA MET E 34 10.42 -3.52 -2.00
C MET E 34 9.59 -4.67 -1.30
N SER E 35 9.52 -5.97 -1.71
CA SER E 35 8.74 -6.99 -0.96
C SER E 35 9.50 -8.27 -0.63
N TRP E 36 8.97 -9.00 0.36
CA TRP E 36 9.48 -10.32 0.74
C TRP E 36 8.25 -11.16 0.58
N VAL E 37 8.39 -12.29 -0.07
CA VAL E 37 7.34 -13.25 -0.35
C VAL E 37 8.07 -14.49 0.15
N ARG E 38 7.41 -15.54 0.70
CA ARG E 38 8.07 -16.78 1.09
C ARG E 38 7.51 -17.92 0.31
N GLN E 39 8.20 -19.02 0.18
CA GLN E 39 7.58 -20.17 -0.45
C GLN E 39 7.51 -21.38 0.48
N THR E 40 6.34 -21.86 0.90
CA THR E 40 6.32 -22.90 1.91
C THR E 40 6.70 -24.27 1.35
N PRO E 41 7.22 -25.24 2.15
CA PRO E 41 7.45 -26.63 1.79
C PRO E 41 6.45 -27.22 0.77
N GLU E 42 5.14 -27.01 1.04
CA GLU E 42 4.16 -27.63 0.20
C GLU E 42 3.91 -26.73 -0.95
N LYS E 43 4.98 -26.06 -1.41
CA LYS E 43 5.11 -25.19 -2.56
C LYS E 43 4.06 -24.08 -2.73
N ARG E 44 3.53 -23.50 -1.64
CA ARG E 44 2.60 -22.39 -1.83
C ARG E 44 3.16 -21.09 -1.22
N LEU E 45 2.81 -19.99 -1.87
CA LEU E 45 3.50 -18.72 -1.80
C LEU E 45 2.73 -17.70 -1.01
N GLU E 46 3.34 -17.13 -0.02
CA GLU E 46 2.64 -16.23 0.83
C GLU E 46 3.42 -14.98 0.70
N TRP E 47 2.76 -13.85 0.66
CA TRP E 47 3.46 -12.56 0.67
C TRP E 47 3.88 -12.31 2.09
N VAL E 48 4.95 -11.59 2.36
CA VAL E 48 5.40 -11.39 3.72
C VAL E 48 5.29 -9.94 4.15
N ALA E 49 5.86 -8.98 3.48
CA ALA E 49 5.76 -7.57 3.81
C ALA E 49 6.20 -6.69 2.61
N THR E 50 5.82 -5.41 2.60
CA THR E 50 6.23 -4.43 1.60
C THR E 50 6.67 -3.17 2.28
N ILE E 51 7.84 -2.66 1.91
CA ILE E 51 8.26 -1.38 2.44
C ILE E 51 8.15 -0.35 1.33
N SER E 52 7.68 0.83 1.67
CA SER E 52 7.60 1.90 0.73
C SER E 52 8.89 2.58 0.37
N SER E 53 8.84 2.79 -0.91
CA SER E 53 9.66 3.71 -1.71
C SER E 53 10.88 4.36 -1.09
N GLY E 54 11.78 3.59 -0.48
CA GLY E 54 12.99 4.13 0.02
C GLY E 54 12.72 5.06 1.19
N GLY E 55 11.73 4.77 2.06
CA GLY E 55 11.38 5.63 3.20
C GLY E 55 10.48 4.75 4.04
N THR E 56 9.31 5.08 4.61
CA THR E 56 8.45 4.04 5.16
C THR E 56 6.97 4.38 5.32
N TYR E 57 6.26 3.34 4.91
CA TYR E 57 4.85 3.04 4.87
C TYR E 57 5.13 1.55 4.64
N THR E 58 4.82 0.77 5.66
CA THR E 58 5.16 -0.64 5.72
C THR E 58 3.79 -1.30 5.70
N TYR E 59 3.65 -2.52 5.15
CA TYR E 59 2.35 -3.21 5.00
C TYR E 59 2.56 -4.66 5.33
N TYR E 60 1.61 -5.33 6.00
CA TYR E 60 1.79 -6.73 6.36
C TYR E 60 0.48 -7.47 6.32
N PRO E 61 0.51 -8.76 6.05
CA PRO E 61 -0.63 -9.63 6.24
C PRO E 61 -0.79 -9.91 7.74
N ASP E 62 -1.98 -10.32 8.22
CA ASP E 62 -2.15 -10.77 9.64
C ASP E 62 -1.18 -11.81 10.32
N SER E 63 -0.81 -12.96 9.74
CA SER E 63 0.08 -13.91 10.35
C SER E 63 1.43 -13.41 10.88
N VAL E 64 1.85 -12.23 10.43
CA VAL E 64 3.21 -11.79 10.60
C VAL E 64 3.15 -10.48 11.30
N LYS E 65 2.00 -9.81 11.45
CA LYS E 65 2.00 -8.51 12.09
C LYS E 65 2.31 -8.75 13.54
N GLY E 66 3.25 -7.98 14.09
CA GLY E 66 3.63 -8.11 15.48
C GLY E 66 4.95 -8.84 15.55
N ARG E 67 5.15 -9.89 14.73
CA ARG E 67 6.36 -10.72 14.80
C ARG E 67 7.50 -10.37 13.84
N PHE E 68 7.18 -10.05 12.54
CA PHE E 68 8.11 -9.64 11.46
C PHE E 68 8.22 -8.13 11.09
N THR E 69 9.42 -7.58 10.77
CA THR E 69 9.63 -6.16 10.44
C THR E 69 10.43 -6.00 9.16
N ILE E 70 9.91 -5.20 8.23
CA ILE E 70 10.60 -4.97 6.96
C ILE E 70 11.19 -3.58 7.10
N SER E 71 12.46 -3.48 6.73
CA SER E 71 13.21 -2.22 6.92
C SER E 71 14.20 -2.19 5.80
N ARG E 72 14.64 -0.99 5.42
CA ARG E 72 15.52 -0.88 4.27
C ARG E 72 16.56 0.12 4.61
N ASP E 73 17.70 -0.05 3.96
CA ASP E 73 18.80 0.86 4.16
C ASP E 73 19.31 1.25 2.77
N ASN E 74 18.67 2.32 2.32
CA ASN E 74 19.02 3.07 1.14
C ASN E 74 20.48 3.54 1.12
N ALA E 75 21.13 3.58 2.27
CA ALA E 75 22.47 4.10 2.26
C ALA E 75 23.37 3.00 1.75
N LYS E 76 23.01 1.77 2.02
CA LYS E 76 23.90 0.75 1.55
C LYS E 76 23.23 -0.46 0.96
N ASN E 77 22.14 -0.03 0.29
CA ASN E 77 21.29 -0.80 -0.59
C ASN E 77 20.91 -2.19 -0.10
N THR E 78 20.55 -2.28 1.18
CA THR E 78 20.18 -3.57 1.76
C THR E 78 18.84 -3.56 2.52
N LEU E 79 17.97 -4.51 2.12
CA LEU E 79 16.58 -4.68 2.63
C LEU E 79 16.68 -5.74 3.68
N TYR E 80 15.83 -5.69 4.71
CA TYR E 80 15.94 -6.60 5.83
C TYR E 80 14.57 -7.04 6.18
N LEU E 81 14.48 -8.22 6.76
CA LEU E 81 13.28 -8.78 7.29
C LEU E 81 13.84 -9.35 8.58
N GLN E 82 13.59 -8.64 9.71
CA GLN E 82 13.93 -9.15 11.03
C GLN E 82 12.68 -9.94 11.42
N MET E 83 12.90 -11.06 12.05
CA MET E 83 11.83 -11.99 12.33
C MET E 83 11.94 -12.44 13.78
N SER E 84 10.92 -12.15 14.58
CA SER E 84 10.95 -12.64 15.93
C SER E 84 9.74 -13.53 16.10
N SER E 85 9.91 -14.45 17.04
CA SER E 85 8.95 -15.50 17.43
C SER E 85 8.57 -16.38 16.28
N LEU E 86 9.62 -17.06 15.85
CA LEU E 86 9.49 -18.01 14.80
C LEU E 86 8.63 -19.19 15.28
N ARG E 87 7.47 -19.16 14.64
CA ARG E 87 6.50 -20.24 14.71
C ARG E 87 6.98 -21.27 13.70
N SER E 88 6.94 -22.60 13.93
CA SER E 88 7.32 -23.63 12.95
C SER E 88 6.60 -23.48 11.61
N ALA E 89 5.48 -22.80 11.51
CA ALA E 89 4.78 -22.58 10.29
C ALA E 89 5.61 -21.73 9.33
N ASP E 90 6.55 -20.97 9.94
CA ASP E 90 7.51 -20.07 9.30
C ASP E 90 8.71 -20.67 8.57
N THR E 91 8.90 -21.99 8.64
CA THR E 91 9.84 -22.78 7.82
C THR E 91 9.43 -22.62 6.36
N ALA E 92 10.01 -21.62 5.76
CA ALA E 92 9.87 -21.40 4.34
C ALA E 92 11.15 -20.89 3.69
N MET E 93 11.16 -20.68 2.38
CA MET E 93 12.31 -20.29 1.53
C MET E 93 11.92 -18.85 1.25
N TYR E 94 12.72 -17.86 1.63
CA TYR E 94 12.35 -16.45 1.55
C TYR E 94 12.95 -15.71 0.38
N TYR E 95 12.11 -14.97 -0.40
CA TYR E 95 12.57 -14.22 -1.60
C TYR E 95 12.35 -12.71 -1.58
N CYS E 96 13.36 -11.97 -2.02
CA CYS E 96 13.38 -10.52 -2.07
C CYS E 96 12.99 -10.12 -3.46
N VAL E 97 11.88 -9.41 -3.54
CA VAL E 97 11.23 -9.13 -4.82
C VAL E 97 11.25 -7.62 -5.05
N ARG E 98 11.53 -7.11 -6.24
CA ARG E 98 11.50 -5.65 -6.42
C ARG E 98 10.01 -5.44 -6.72
N ARG E 99 9.33 -4.62 -5.92
CA ARG E 99 7.86 -4.60 -5.98
C ARG E 99 7.23 -3.64 -6.94
N GLU E 100 8.00 -2.60 -7.21
CA GLU E 100 7.44 -1.50 -7.93
C GLU E 100 8.40 -0.90 -8.96
N ASP E 101 7.81 -0.45 -10.09
CA ASP E 101 8.53 0.29 -11.11
C ASP E 101 7.65 1.38 -11.68
N GLY E 102 6.99 1.29 -12.84
CA GLY E 102 6.19 2.46 -13.25
C GLY E 102 4.78 2.46 -12.71
N GLY E 103 4.42 1.28 -12.26
CA GLY E 103 3.07 1.05 -11.90
C GLY E 103 3.00 -0.24 -11.16
N ASP E 104 1.80 -0.79 -11.11
CA ASP E 104 1.63 -2.07 -10.49
C ASP E 104 1.50 -2.98 -11.68
N GLU E 105 2.46 -3.90 -11.67
CA GLU E 105 2.78 -4.74 -12.79
C GLU E 105 3.36 -6.09 -12.35
N GLY E 106 2.80 -6.61 -11.26
CA GLY E 106 3.30 -7.91 -10.80
C GLY E 106 4.48 -7.61 -9.91
N PHE E 107 5.21 -8.67 -9.68
CA PHE E 107 6.41 -8.73 -8.91
C PHE E 107 7.38 -9.19 -10.01
N ALA E 108 8.06 -8.35 -10.81
CA ALA E 108 9.00 -8.87 -11.81
C ALA E 108 10.33 -8.64 -11.16
N TYR E 109 11.30 -9.49 -11.42
CA TYR E 109 12.59 -9.49 -10.77
C TYR E 109 12.35 -9.90 -9.31
N TRP E 110 12.70 -11.16 -9.09
CA TRP E 110 12.61 -11.84 -7.84
C TRP E 110 14.02 -12.25 -7.54
N GLY E 111 14.40 -12.25 -6.28
CA GLY E 111 15.68 -12.71 -5.85
C GLY E 111 15.73 -14.22 -5.96
N GLN E 112 16.82 -14.68 -5.37
CA GLN E 112 17.04 -16.08 -5.44
C GLN E 112 16.65 -16.91 -4.21
N GLY E 113 16.53 -16.39 -2.99
CA GLY E 113 16.16 -17.18 -1.79
C GLY E 113 17.23 -17.52 -0.70
N THR E 114 16.72 -17.74 0.49
CA THR E 114 17.50 -18.25 1.62
C THR E 114 16.47 -19.08 2.34
N VAL E 115 16.83 -20.24 2.82
CA VAL E 115 15.83 -21.05 3.50
C VAL E 115 15.88 -20.79 5.01
N VAL E 116 14.72 -20.89 5.67
CA VAL E 116 14.69 -20.83 7.12
C VAL E 116 14.11 -22.18 7.49
N THR E 117 14.72 -22.76 8.50
CA THR E 117 14.26 -24.04 8.97
C THR E 117 14.05 -23.77 10.44
N VAL E 118 12.78 -23.67 10.89
CA VAL E 118 12.47 -23.49 12.30
C VAL E 118 12.26 -24.88 12.79
N SER E 119 13.23 -25.39 13.51
CA SER E 119 13.04 -26.69 14.10
C SER E 119 13.92 -26.79 15.29
N ALA E 120 13.30 -27.45 16.26
CA ALA E 120 13.96 -27.72 17.51
C ALA E 120 14.91 -28.89 17.37
N ALA E 121 14.55 -28.31 16.21
CA ALA E 121 15.48 -29.44 16.07
C ALA E 121 16.76 -28.83 15.57
N LYS E 122 17.95 -29.33 15.91
CA LYS E 122 19.14 -28.70 15.36
C LYS E 122 19.95 -29.78 14.72
N THR E 123 20.66 -29.21 13.76
CA THR E 123 21.55 -29.84 12.84
C THR E 123 21.95 -31.26 13.12
N THR E 124 21.30 -32.15 12.42
CA THR E 124 21.77 -33.50 12.52
C THR E 124 22.40 -33.91 11.19
N PRO E 125 23.50 -34.62 11.23
CA PRO E 125 24.16 -35.13 10.05
C PRO E 125 23.41 -36.29 9.35
N PRO E 126 23.71 -36.72 8.11
CA PRO E 126 22.95 -37.74 7.38
C PRO E 126 23.45 -39.19 7.38
N SER E 127 22.66 -40.23 7.51
CA SER E 127 23.23 -41.58 7.49
C SER E 127 22.98 -42.03 6.09
N VAL E 128 24.03 -42.47 5.44
CA VAL E 128 23.95 -42.92 4.07
C VAL E 128 24.26 -44.43 4.03
N TYR E 129 23.27 -45.12 3.53
CA TYR E 129 23.30 -46.53 3.42
C TYR E 129 23.27 -46.78 1.91
N PRO E 130 24.22 -47.49 1.35
CA PRO E 130 24.13 -48.07 0.01
C PRO E 130 22.94 -49.00 -0.16
N LEU E 131 22.23 -48.79 -1.25
CA LEU E 131 21.09 -49.60 -1.62
C LEU E 131 21.66 -50.38 -2.79
N ALA E 132 22.23 -51.54 -2.53
CA ALA E 132 22.67 -52.40 -3.60
C ALA E 132 21.54 -53.41 -3.75
N PRO E 133 21.31 -54.14 -4.84
CA PRO E 133 20.20 -55.11 -4.90
C PRO E 133 20.54 -56.42 -4.19
N GLY E 134 19.47 -57.14 -3.83
CA GLY E 134 19.61 -58.52 -3.41
C GLY E 134 20.28 -59.31 -4.54
N SER E 135 20.64 -60.57 -4.28
CA SER E 135 21.18 -61.49 -5.29
C SER E 135 20.26 -61.64 -6.53
N ALA E 136 18.94 -61.79 -6.32
CA ALA E 136 17.97 -62.01 -7.39
C ALA E 136 17.64 -60.85 -8.33
N ALA E 137 18.39 -59.75 -8.33
CA ALA E 137 18.04 -58.61 -9.17
C ALA E 137 19.04 -58.26 -10.27
N ALA E 138 20.22 -58.89 -10.32
CA ALA E 138 21.18 -58.57 -11.36
C ALA E 138 20.76 -59.31 -12.62
N ALA E 139 20.14 -58.62 -13.58
CA ALA E 139 19.66 -59.26 -14.80
C ALA E 139 19.45 -58.25 -15.92
N ALA E 140 18.91 -58.72 -17.05
CA ALA E 140 18.57 -57.91 -18.23
C ALA E 140 19.73 -57.14 -18.84
N SER E 141 19.89 -55.82 -18.73
CA SER E 141 21.01 -55.09 -19.32
C SER E 141 21.29 -53.81 -18.47
N MET E 142 20.28 -53.01 -18.13
CA MET E 142 20.51 -51.91 -17.21
C MET E 142 20.14 -52.47 -15.84
N VAL E 143 20.70 -51.91 -14.76
CA VAL E 143 20.69 -52.46 -13.42
C VAL E 143 20.60 -51.22 -12.58
N THR E 144 19.52 -51.00 -11.80
CA THR E 144 19.35 -49.79 -10.97
C THR E 144 20.00 -49.94 -9.60
N LEU E 145 20.66 -48.94 -9.09
CA LEU E 145 21.38 -48.98 -7.83
C LEU E 145 20.92 -47.77 -7.04
N GLY E 146 21.10 -47.68 -5.71
CA GLY E 146 20.51 -46.56 -4.98
C GLY E 146 21.30 -46.10 -3.81
N CYS E 147 20.87 -45.00 -3.18
CA CYS E 147 21.51 -44.35 -2.03
C CYS E 147 20.44 -43.89 -1.05
N LEU E 148 20.49 -44.38 0.22
CA LEU E 148 19.54 -44.06 1.27
C LEU E 148 20.18 -43.10 2.23
N VAL E 149 19.75 -41.83 2.27
CA VAL E 149 20.32 -40.83 3.16
C VAL E 149 19.30 -40.78 4.28
N LYS E 150 19.60 -40.80 5.56
CA LYS E 150 18.54 -40.79 6.53
C LYS E 150 18.79 -39.65 7.47
N GLY E 151 17.69 -39.34 8.16
CA GLY E 151 17.52 -38.40 9.27
C GLY E 151 18.66 -37.50 9.52
N TYR E 152 18.47 -36.37 8.89
CA TYR E 152 19.38 -35.23 8.88
C TYR E 152 18.44 -34.04 9.03
N PHE E 153 19.03 -32.90 9.35
CA PHE E 153 18.36 -31.63 9.57
C PHE E 153 19.49 -30.57 9.60
N PRO E 154 19.33 -29.29 9.13
CA PRO E 154 18.28 -28.84 8.18
C PRO E 154 18.43 -29.39 6.77
N GLU E 155 17.48 -29.01 5.90
CA GLU E 155 17.58 -29.38 4.49
C GLU E 155 18.59 -28.37 3.97
N PRO E 156 19.66 -28.74 3.19
CA PRO E 156 19.70 -29.80 2.16
C PRO E 156 20.77 -30.80 2.24
N VAL E 157 20.64 -31.87 1.48
CA VAL E 157 21.79 -32.70 1.13
C VAL E 157 21.92 -32.68 -0.40
N THR E 158 23.11 -32.63 -1.01
CA THR E 158 23.25 -32.76 -2.45
C THR E 158 23.81 -34.14 -2.78
N VAL E 159 23.01 -35.04 -3.39
CA VAL E 159 23.51 -36.36 -3.76
C VAL E 159 24.04 -36.22 -5.19
N THR E 160 25.22 -36.79 -5.41
CA THR E 160 25.94 -36.77 -6.64
C THR E 160 26.33 -38.24 -6.81
N TRP E 161 26.36 -38.80 -8.04
CA TRP E 161 26.93 -40.12 -8.20
C TRP E 161 28.21 -39.98 -9.05
N ASN E 162 29.27 -40.58 -8.48
CA ASN E 162 30.61 -40.66 -9.02
C ASN E 162 31.24 -39.30 -9.28
N SER E 163 31.20 -38.47 -8.26
CA SER E 163 31.71 -37.11 -8.27
C SER E 163 31.27 -36.28 -9.48
N GLY E 164 30.19 -36.65 -10.15
CA GLY E 164 29.78 -35.95 -11.36
C GLY E 164 29.41 -36.96 -12.44
N SER E 165 30.32 -37.89 -12.80
CA SER E 165 30.13 -38.82 -13.91
C SER E 165 28.73 -39.40 -14.19
N LEU E 166 28.05 -40.11 -13.28
CA LEU E 166 26.82 -40.78 -13.65
C LEU E 166 25.68 -39.81 -13.36
N SER E 167 25.69 -38.80 -14.21
CA SER E 167 24.75 -37.70 -14.20
C SER E 167 23.62 -38.00 -15.14
N SER E 168 23.63 -39.25 -15.63
CA SER E 168 22.80 -39.79 -16.70
C SER E 168 21.52 -40.28 -16.05
N GLY E 169 20.98 -41.48 -16.21
CA GLY E 169 19.70 -41.85 -15.59
C GLY E 169 19.71 -41.95 -14.06
N VAL E 170 19.87 -40.81 -13.35
CA VAL E 170 19.83 -40.72 -11.93
C VAL E 170 18.66 -39.83 -11.62
N HIS E 171 17.81 -40.41 -10.75
CA HIS E 171 16.58 -39.87 -10.15
C HIS E 171 16.82 -39.62 -8.70
N THR E 172 16.64 -38.38 -8.29
CA THR E 172 16.76 -38.07 -6.88
C THR E 172 15.43 -37.50 -6.42
N PHE E 173 14.86 -38.22 -5.48
CA PHE E 173 13.53 -37.95 -5.01
C PHE E 173 13.51 -36.88 -3.95
N PRO E 174 12.44 -36.06 -3.91
CA PRO E 174 12.10 -35.11 -2.83
C PRO E 174 12.21 -35.54 -1.36
N ALA E 175 12.74 -34.65 -0.51
CA ALA E 175 12.99 -35.02 0.88
C ALA E 175 11.68 -35.15 1.63
N VAL E 176 11.57 -35.95 2.69
CA VAL E 176 10.31 -36.04 3.43
C VAL E 176 10.63 -36.08 4.96
N LEU E 177 9.78 -35.52 5.85
CA LEU E 177 9.99 -35.58 7.33
C LEU E 177 9.50 -36.83 8.00
N GLN E 178 10.34 -37.82 8.08
CA GLN E 178 10.07 -38.99 8.89
C GLN E 178 10.31 -38.23 10.21
N SER E 179 9.34 -38.04 11.09
CA SER E 179 9.64 -37.52 12.41
C SER E 179 10.36 -36.20 12.49
N ASP E 180 10.00 -34.98 12.07
CA ASP E 180 10.99 -33.84 12.11
C ASP E 180 12.54 -34.01 11.78
N LEU E 181 12.98 -35.01 10.99
CA LEU E 181 14.34 -35.14 10.58
C LEU E 181 14.19 -35.89 9.28
N TYR E 182 14.74 -35.30 8.21
CA TYR E 182 14.52 -35.84 6.83
C TYR E 182 15.00 -37.21 6.31
N THR E 183 14.25 -37.87 5.43
CA THR E 183 14.87 -38.91 4.56
C THR E 183 14.97 -38.44 3.10
N LEU E 184 15.87 -38.97 2.29
CA LEU E 184 16.10 -38.58 0.90
C LEU E 184 16.71 -39.77 0.17
N SER E 185 16.14 -40.29 -0.92
CA SER E 185 16.81 -41.36 -1.68
C SER E 185 17.20 -40.91 -3.10
N SER E 186 18.17 -41.56 -3.75
CA SER E 186 18.61 -41.23 -5.08
C SER E 186 18.87 -42.55 -5.74
N SER E 187 18.36 -42.90 -6.91
CA SER E 187 18.74 -44.13 -7.67
C SER E 187 19.55 -43.91 -8.97
N VAL E 188 20.59 -44.66 -9.47
CA VAL E 188 21.24 -44.50 -10.80
C VAL E 188 20.98 -45.78 -11.55
N THR E 189 20.60 -45.76 -12.81
CA THR E 189 20.56 -47.02 -13.60
C THR E 189 21.94 -47.23 -14.26
N VAL E 190 22.43 -48.46 -14.27
CA VAL E 190 23.77 -48.71 -14.74
C VAL E 190 23.79 -49.89 -15.68
N PRO E 191 24.61 -50.05 -16.72
CA PRO E 191 24.66 -51.29 -17.45
C PRO E 191 25.27 -52.32 -16.54
N SER E 192 24.77 -53.56 -16.51
CA SER E 192 25.43 -54.56 -15.68
C SER E 192 26.58 -55.01 -16.51
N SER E 193 27.72 -54.70 -15.92
CA SER E 193 29.08 -55.02 -16.41
C SER E 193 29.81 -53.91 -15.68
N THR E 194 29.44 -52.66 -16.06
CA THR E 194 29.87 -51.41 -15.49
C THR E 194 29.91 -51.71 -14.01
N TRP E 195 28.82 -52.14 -13.38
CA TRP E 195 28.91 -52.63 -12.03
C TRP E 195 28.69 -54.12 -12.18
N PRO E 196 29.26 -55.00 -11.35
CA PRO E 196 30.22 -54.69 -10.27
C PRO E 196 31.63 -54.32 -10.59
N SER E 197 32.05 -54.53 -11.83
CA SER E 197 33.44 -54.32 -12.20
C SER E 197 33.96 -52.90 -11.99
N GLU E 198 33.10 -51.89 -12.00
CA GLU E 198 33.46 -50.49 -11.94
C GLU E 198 32.68 -49.97 -10.76
N THR E 199 33.37 -49.18 -9.94
CA THR E 199 32.89 -48.72 -8.66
C THR E 199 31.83 -47.66 -8.70
N VAL E 200 30.55 -47.92 -8.43
CA VAL E 200 29.61 -46.81 -8.33
C VAL E 200 29.66 -46.25 -6.93
N THR E 201 29.92 -44.97 -6.81
CA THR E 201 30.06 -44.31 -5.53
C THR E 201 29.05 -43.16 -5.38
N CYS E 202 28.54 -42.96 -4.15
CA CYS E 202 27.51 -42.00 -3.80
C CYS E 202 28.13 -40.87 -3.02
N ASN E 203 27.91 -39.68 -3.53
CA ASN E 203 28.54 -38.48 -2.98
C ASN E 203 27.45 -37.72 -2.27
N VAL E 204 27.52 -37.65 -0.96
CA VAL E 204 26.44 -37.09 -0.14
C VAL E 204 26.97 -35.89 0.58
N ALA E 205 26.45 -34.71 0.31
CA ALA E 205 26.96 -33.53 0.97
C ALA E 205 25.89 -32.85 1.74
N HIS E 206 26.15 -32.63 3.02
CA HIS E 206 25.18 -31.92 3.87
C HIS E 206 25.90 -30.65 4.31
N PRO E 207 25.67 -29.55 3.58
CA PRO E 207 26.21 -28.22 3.81
C PRO E 207 26.19 -27.89 5.29
N ALA E 208 24.98 -27.81 5.83
CA ALA E 208 24.77 -27.48 7.24
C ALA E 208 25.66 -28.15 8.32
N SER E 209 25.90 -29.46 8.33
CA SER E 209 26.73 -30.02 9.36
C SER E 209 28.19 -30.24 8.93
N SER E 210 28.63 -29.71 7.78
CA SER E 210 30.00 -29.84 7.32
C SER E 210 30.37 -31.32 7.18
N THR E 211 29.48 -32.02 6.46
CA THR E 211 29.58 -33.45 6.19
C THR E 211 29.62 -33.63 4.67
N LYS E 212 30.52 -34.51 4.20
CA LYS E 212 30.46 -35.11 2.85
C LYS E 212 30.62 -36.59 3.20
N VAL E 213 29.91 -37.54 2.62
CA VAL E 213 29.99 -38.93 3.05
C VAL E 213 29.95 -39.65 1.74
N ASP E 214 30.87 -40.57 1.52
CA ASP E 214 30.87 -41.31 0.28
C ASP E 214 30.80 -42.78 0.58
N LYS E 215 29.76 -43.35 0.04
CA LYS E 215 29.56 -44.76 0.22
C LYS E 215 29.70 -45.43 -1.13
N LYS E 216 30.42 -46.51 -1.14
CA LYS E 216 30.57 -47.33 -2.32
C LYS E 216 29.39 -48.30 -2.35
N ILE E 217 28.93 -48.68 -3.52
CA ILE E 217 28.00 -49.79 -3.67
C ILE E 217 28.81 -51.06 -4.11
N VAL E 218 28.81 -51.99 -3.15
CA VAL E 218 29.49 -53.29 -3.09
C VAL E 218 28.36 -54.32 -2.96
N PRO E 219 28.31 -55.37 -3.77
CA PRO E 219 27.15 -56.26 -3.93
C PRO E 219 26.78 -57.40 -2.98
N ARG E 220 25.52 -57.90 -3.18
CA ARG E 220 24.89 -59.18 -2.77
C ARG E 220 23.48 -59.10 -2.21
N THR F 1 0.63 12.50 -2.91
CA THR F 1 0.87 11.18 -3.53
C THR F 1 1.18 11.31 -5.03
N THR F 2 2.41 10.96 -5.35
CA THR F 2 2.92 10.98 -6.73
C THR F 2 1.76 10.72 -7.71
N ALA F 3 2.11 10.65 -8.98
CA ALA F 3 1.15 10.36 -10.06
C ALA F 3 0.90 8.89 -10.03
N TYR F 4 0.04 8.34 -10.83
CA TYR F 4 0.06 6.92 -10.71
C TYR F 4 -1.22 6.17 -10.93
N THR F 5 -0.88 5.08 -11.57
CA THR F 5 -1.74 3.98 -11.94
C THR F 5 -1.58 2.95 -10.82
N ALA F 6 -2.54 3.01 -9.93
CA ALA F 6 -2.64 2.13 -8.74
C ALA F 6 -4.02 2.34 -8.12
N SER F 7 -4.16 1.94 -6.88
CA SER F 7 -5.43 2.11 -6.17
C SER F 7 -5.21 2.52 -4.72
N ALA F 8 -6.16 3.31 -4.25
CA ALA F 8 -6.22 3.64 -2.83
C ALA F 8 -6.60 2.30 -2.22
N ARG F 9 -5.85 1.92 -1.23
CA ARG F 9 -5.89 0.56 -0.68
C ARG F 9 -5.31 -0.33 -1.76
N GLY F 10 -4.07 -0.53 -1.49
CA GLY F 10 -3.06 -1.24 -2.26
C GLY F 10 -1.79 -0.65 -1.67
N ASP F 11 -0.69 -1.35 -1.71
CA ASP F 11 0.50 -0.80 -1.05
C ASP F 11 1.07 0.43 -1.78
N LEU F 12 0.47 0.82 -2.90
CA LEU F 12 1.00 1.95 -3.69
C LEU F 12 0.12 3.22 -3.56
N ALA F 13 -1.00 3.05 -2.90
CA ALA F 13 -2.03 4.10 -2.70
C ALA F 13 -1.47 5.47 -2.27
N HIS F 14 -0.29 5.47 -1.68
CA HIS F 14 0.33 6.73 -1.22
C HIS F 14 1.01 7.44 -2.40
N LEU F 15 0.60 7.06 -3.60
CA LEU F 15 1.07 7.70 -4.84
C LEU F 15 -0.11 7.98 -5.74
N THR F 16 -1.29 7.86 -5.18
CA THR F 16 -2.46 7.97 -6.02
C THR F 16 -3.44 9.08 -5.65
N THR F 17 -3.52 9.86 -6.69
CA THR F 17 -4.45 10.95 -6.97
C THR F 17 -5.00 10.49 -8.27
N THR F 18 -3.96 10.03 -8.97
CA THR F 18 -4.07 9.36 -10.23
C THR F 18 -5.22 8.41 -10.08
N ALA F 19 -5.21 7.85 -8.88
CA ALA F 19 -6.23 6.89 -8.44
C ALA F 19 -6.03 6.42 -6.97
N ALA F 20 -5.57 7.33 -6.13
CA ALA F 20 -5.51 7.09 -4.67
C ALA F 20 -6.79 7.72 -4.22
N ARG F 21 -7.74 7.41 -5.09
CA ARG F 21 -8.95 8.14 -5.10
C ARG F 21 -8.33 9.50 -5.13
N THR F 22 -8.60 10.30 -6.11
CA THR F 22 -7.89 11.57 -6.16
C THR F 22 -8.23 12.39 -4.91
N LEU F 23 -7.16 12.70 -4.18
CA LEU F 23 -7.26 13.37 -2.88
C LEU F 23 -7.14 12.27 -1.84
N PRO F 24 -6.59 12.44 -0.64
CA PRO F 24 -6.52 11.32 0.29
C PRO F 24 -7.88 10.74 0.59
#